data_8X9F
#
_entry.id   8X9F
#
_cell.length_a   112.251
_cell.length_b   74.783
_cell.length_c   71.214
_cell.angle_alpha   90.00
_cell.angle_beta   111.18
_cell.angle_gamma   90.00
#
_symmetry.space_group_name_H-M   'C 1 2 1'
#
loop_
_entity.id
_entity.type
_entity.pdbx_description
1 polymer 'Carbon monoxide dehydrogenase 2'
2 non-polymer 'IRON/SULFUR CLUSTER'
3 non-polymer 'FE2/S2 (INORGANIC) CLUSTER'
4 non-polymer 'FE(4)-NI(1)-S(4) CLUSTER'
5 non-polymer 1-ethyl-4-(1-ethylpyridin-1-ium-4-yl)pyridin-1-ium
6 non-polymer 1,2-ETHANEDIOL
7 water water
#
_entity_poly.entity_id   1
_entity_poly.type   'polypeptide(L)'
_entity_poly.pdbx_seq_one_letter_code
;MGSSHHHHHHSSGLVPRGSHMAKQNLKSTDRAVQQMLDKAKREGIQTVWDRYEAMKPQCGFGETGLCCRHCLQGPCGILP
FGDEPKVGICGATAEVIVARGLDRSIAAGAAGHSGHAKHLAHTLKKAVQGKAASYMIKDRTKLHSIAKRLGIPTEGQKDE
DIALEVAKAALADFHEKDTPVLWVTTVLPPSRVKVLSAHGLIPAGIDHEIAEIMHRTSMGCDADAQNLLLGGLRCSLADL
AGCYMGTDLADILFGTPAPVVTESNLGVLKADAVNVAVHGHNPVLSDIIVSVSKEMENEARAAGATGINVVGICCTGNEV
LMRHGIPACTHSVSQEMAMITGALDAMILDYQCIQPSVATIAECTGTTVITTMEMSKITGATHVNFAEEAAVENAKQILR
LAIDTFKRRKGKPVEIPNIKTKVVAGFSTEAIINALSKLNANDPLKPLIDNVVNGNIRGVCLFAGCNNVKVPQDQNFTTI
ARKLLKQNVLVVATGCGAGALMRHGFMDPANVDELCGDGLKAVLTAIGEANGLGGPLPPVLHMGSCVDNSRAVALVAALA
NRLGVDLDRLPVVASAAEAMHEKAVAIGTWAVTIGLPTHIGVLPPITGSLPVTQILTSSVKDITGGYFIVELDPETAADK
LLAAINERRAGLGLPW
;
_entity_poly.pdbx_strand_id   A
#
loop_
_chem_comp.id
_chem_comp.type
_chem_comp.name
_chem_comp.formula
EDO non-polymer 1,2-ETHANEDIOL 'C2 H6 O2'
FES non-polymer 'FE2/S2 (INORGANIC) CLUSTER' 'Fe2 S2'
S8I non-polymer 1-ethyl-4-(1-ethylpyridin-1-ium-4-yl)pyridin-1-ium 'C14 H18 N2 2'
SF4 non-polymer 'IRON/SULFUR CLUSTER' 'Fe4 S4'
XCC non-polymer 'FE(4)-NI(1)-S(4) CLUSTER' 'Fe4 Ni S4'
#
# COMPACT_ATOMS: atom_id res chain seq x y z
N GLN A 24 -26.28 2.69 -9.84
CA GLN A 24 -25.64 1.77 -8.88
C GLN A 24 -24.20 1.46 -9.33
N ASN A 25 -24.01 1.40 -10.65
CA ASN A 25 -22.71 1.29 -11.27
C ASN A 25 -21.87 2.55 -11.07
N LEU A 26 -22.49 3.63 -10.59
CA LEU A 26 -21.81 4.85 -10.22
C LEU A 26 -21.13 4.75 -8.88
N LYS A 27 -21.43 3.73 -8.09
CA LYS A 27 -20.77 3.54 -6.80
C LYS A 27 -19.58 2.59 -6.90
N SER A 28 -19.63 1.60 -7.80
CA SER A 28 -18.53 0.66 -7.93
C SER A 28 -18.62 -0.05 -9.28
N THR A 29 -17.45 -0.27 -9.88
CA THR A 29 -17.34 -1.05 -11.11
C THR A 29 -17.18 -2.54 -10.86
N ASP A 30 -17.08 -2.96 -9.60
CA ASP A 30 -17.03 -4.38 -9.26
C ASP A 30 -18.46 -4.93 -9.26
N ARG A 31 -18.69 -5.95 -10.10
CA ARG A 31 -20.05 -6.49 -10.24
C ARG A 31 -20.53 -7.13 -8.95
N ALA A 32 -19.66 -7.86 -8.25
CA ALA A 32 -20.03 -8.45 -6.97
C ALA A 32 -20.38 -7.36 -5.96
N VAL A 33 -19.66 -6.25 -5.99
CA VAL A 33 -19.96 -5.15 -5.07
C VAL A 33 -21.32 -4.55 -5.40
N GLN A 34 -21.65 -4.43 -6.68
CA GLN A 34 -22.98 -3.96 -7.05
C GLN A 34 -24.07 -4.92 -6.57
N GLN A 35 -23.82 -6.23 -6.69
CA GLN A 35 -24.77 -7.21 -6.19
C GLN A 35 -24.98 -7.06 -4.68
N MET A 36 -23.88 -6.91 -3.93
CA MET A 36 -24.00 -6.77 -2.49
C MET A 36 -24.57 -5.42 -2.08
N LEU A 37 -24.36 -4.38 -2.90
CA LEU A 37 -25.03 -3.10 -2.66
C LEU A 37 -26.53 -3.21 -2.82
N ASP A 38 -26.97 -3.95 -3.85
CA ASP A 38 -28.39 -4.23 -3.99
C ASP A 38 -28.92 -4.99 -2.78
N LYS A 39 -28.17 -5.99 -2.31
CA LYS A 39 -28.60 -6.74 -1.13
C LYS A 39 -28.68 -5.86 0.11
N ALA A 40 -27.69 -4.98 0.30
CA ALA A 40 -27.68 -4.12 1.48
C ALA A 40 -28.82 -3.11 1.44
N LYS A 41 -29.04 -2.49 0.26
CA LYS A 41 -30.18 -1.60 0.09
C LYS A 41 -31.49 -2.32 0.35
N ARG A 42 -31.59 -3.57 -0.09
CA ARG A 42 -32.75 -4.41 0.18
C ARG A 42 -33.05 -4.48 1.67
N GLU A 43 -32.03 -4.74 2.48
CA GLU A 43 -32.18 -5.04 3.90
C GLU A 43 -32.02 -3.81 4.79
N GLY A 44 -31.84 -2.63 4.21
CA GLY A 44 -31.63 -1.43 5.00
C GLY A 44 -30.33 -1.43 5.79
N ILE A 45 -29.26 -1.95 5.21
CA ILE A 45 -27.93 -1.91 5.82
C ILE A 45 -27.20 -0.71 5.24
N GLN A 46 -26.94 0.28 6.09
CA GLN A 46 -26.28 1.51 5.63
C GLN A 46 -24.85 1.22 5.22
N THR A 47 -24.44 1.79 4.10
CA THR A 47 -23.13 1.54 3.51
C THR A 47 -22.29 2.82 3.50
N VAL A 48 -21.03 2.66 3.09
CA VAL A 48 -20.12 3.80 3.01
C VAL A 48 -20.59 4.79 1.95
N TRP A 49 -21.14 4.28 0.84
CA TRP A 49 -21.70 5.16 -0.17
C TRP A 49 -22.92 5.91 0.37
N ASP A 50 -23.73 5.25 1.20
CA ASP A 50 -24.85 5.93 1.84
C ASP A 50 -24.38 7.05 2.76
N ARG A 51 -23.39 6.76 3.60
CA ARG A 51 -22.86 7.78 4.51
C ARG A 51 -22.25 8.93 3.72
N TYR A 52 -21.60 8.61 2.60
CA TYR A 52 -21.08 9.66 1.73
C TYR A 52 -22.20 10.51 1.16
N GLU A 53 -23.31 9.88 0.78
CA GLU A 53 -24.46 10.64 0.30
C GLU A 53 -25.03 11.54 1.38
N ALA A 54 -24.98 11.12 2.64
CA ALA A 54 -25.43 11.98 3.72
C ALA A 54 -24.49 13.15 3.97
N MET A 55 -23.26 13.09 3.49
CA MET A 55 -22.23 14.07 3.77
C MET A 55 -22.16 15.19 2.74
N LYS A 56 -23.09 15.20 1.78
CA LYS A 56 -22.97 16.18 0.70
C LYS A 56 -24.04 17.26 0.82
N PRO A 57 -23.71 18.52 0.50
CA PRO A 57 -22.42 18.98 -0.04
C PRO A 57 -21.32 19.03 1.02
N GLN A 58 -20.12 18.56 0.68
CA GLN A 58 -19.01 18.60 1.61
C GLN A 58 -18.43 20.00 1.70
N CYS A 59 -17.63 20.25 2.72
CA CYS A 59 -17.21 21.60 3.06
C CYS A 59 -16.13 22.08 2.10
N GLY A 60 -16.33 23.29 1.57
CA GLY A 60 -15.41 23.83 0.58
C GLY A 60 -14.08 24.30 1.16
N PHE A 61 -14.08 24.66 2.43
CA PHE A 61 -12.82 25.08 3.08
C PHE A 61 -11.87 23.89 3.23
N GLY A 62 -12.36 22.76 3.74
CA GLY A 62 -11.47 21.65 4.04
C GLY A 62 -10.95 20.95 2.79
N GLU A 63 -11.84 20.65 1.84
CA GLU A 63 -11.39 19.91 0.67
C GLU A 63 -10.59 20.77 -0.29
N THR A 64 -10.51 22.08 -0.06
CA THR A 64 -9.50 22.94 -0.66
C THR A 64 -8.26 23.08 0.20
N GLY A 65 -8.28 22.56 1.43
CA GLY A 65 -7.19 22.76 2.36
C GLY A 65 -7.18 24.09 3.05
N LEU A 66 -8.17 24.95 2.78
CA LEU A 66 -8.23 26.28 3.37
C LEU A 66 -8.99 26.29 4.68
N CYS A 67 -8.54 25.46 5.62
CA CYS A 67 -9.13 25.39 6.98
C CYS A 67 -8.04 24.97 7.97
N CYS A 68 -8.05 25.53 9.17
CA CYS A 68 -7.08 25.22 10.20
C CYS A 68 -7.75 25.27 11.55
N ARG A 69 -7.53 24.24 12.36
CA ARG A 69 -7.98 24.19 13.75
C ARG A 69 -6.78 23.92 14.67
N HIS A 70 -5.65 24.53 14.35
CA HIS A 70 -4.41 24.19 15.06
C HIS A 70 -4.28 24.85 16.42
N CYS A 71 -5.27 25.63 16.85
CA CYS A 71 -5.36 26.06 18.23
C CYS A 71 -6.80 26.51 18.49
N LEU A 72 -7.08 26.89 19.74
CA LEU A 72 -8.44 27.12 20.21
C LEU A 72 -9.02 28.46 19.75
N GLN A 73 -8.25 29.26 19.03
CA GLN A 73 -8.82 30.46 18.42
C GLN A 73 -9.61 30.15 17.16
N GLY A 74 -9.45 28.94 16.62
CA GLY A 74 -10.14 28.54 15.42
C GLY A 74 -11.57 28.09 15.70
N PRO A 75 -12.21 27.46 14.70
CA PRO A 75 -11.70 27.08 13.38
C PRO A 75 -11.53 28.28 12.47
N CYS A 76 -10.51 28.27 11.61
CA CYS A 76 -10.26 29.37 10.71
C CYS A 76 -10.41 28.87 9.27
N GLY A 77 -11.32 29.49 8.53
CA GLY A 77 -11.51 29.19 7.13
C GLY A 77 -11.10 30.39 6.29
N ILE A 78 -10.48 30.12 5.14
CA ILE A 78 -10.11 31.15 4.19
C ILE A 78 -10.85 30.86 2.90
N LEU A 79 -11.65 31.82 2.45
CA LEU A 79 -12.42 31.62 1.23
C LEU A 79 -11.47 31.47 0.05
N PRO A 80 -11.65 30.47 -0.81
CA PRO A 80 -10.76 30.34 -1.98
C PRO A 80 -10.74 31.58 -2.85
N PHE A 81 -11.89 32.23 -3.00
CA PHE A 81 -11.97 33.48 -3.74
C PHE A 81 -13.00 34.38 -3.07
N GLY A 82 -12.82 35.69 -3.23
CA GLY A 82 -13.75 36.64 -2.69
C GLY A 82 -13.18 37.52 -1.59
N ASP A 83 -14.04 37.91 -0.66
CA ASP A 83 -13.69 38.87 0.39
C ASP A 83 -13.20 38.14 1.63
N GLU A 84 -13.16 38.86 2.76
CA GLU A 84 -12.76 38.27 4.02
C GLU A 84 -13.71 37.13 4.39
N PRO A 85 -13.23 36.12 5.12
CA PRO A 85 -11.87 35.95 5.67
C PRO A 85 -10.82 35.59 4.63
N LYS A 86 -9.71 36.33 4.63
CA LYS A 86 -8.60 36.08 3.71
C LYS A 86 -7.37 35.51 4.40
N VAL A 87 -7.26 35.67 5.71
CA VAL A 87 -6.08 35.26 6.47
C VAL A 87 -6.54 34.70 7.79
N GLY A 88 -5.74 33.79 8.35
CA GLY A 88 -6.05 33.24 9.66
C GLY A 88 -6.05 34.31 10.73
N ILE A 89 -6.65 33.96 11.87
CA ILE A 89 -6.79 34.92 12.96
C ILE A 89 -5.42 35.38 13.45
N CYS A 90 -4.46 34.46 13.50
CA CYS A 90 -3.10 34.78 13.92
C CYS A 90 -2.24 35.35 12.80
N GLY A 91 -2.76 35.43 11.58
CA GLY A 91 -1.99 35.90 10.45
C GLY A 91 -1.48 34.81 9.53
N ALA A 92 -1.83 33.55 9.77
CA ALA A 92 -1.40 32.47 8.89
C ALA A 92 -2.05 32.62 7.51
N THR A 93 -1.23 32.58 6.48
CA THR A 93 -1.70 32.79 5.12
C THR A 93 -2.32 31.51 4.58
N ALA A 94 -2.89 31.61 3.36
CA ALA A 94 -3.48 30.43 2.72
C ALA A 94 -2.43 29.36 2.48
N GLU A 95 -1.27 29.74 1.97
CA GLU A 95 -0.22 28.76 1.68
C GLU A 95 0.33 28.15 2.95
N VAL A 96 0.47 28.94 4.02
CA VAL A 96 0.99 28.41 5.28
C VAL A 96 0.04 27.37 5.84
N ILE A 97 -1.27 27.68 5.84
CA ILE A 97 -2.26 26.74 6.34
C ILE A 97 -2.28 25.47 5.49
N VAL A 98 -2.24 25.63 4.17
CA VAL A 98 -2.26 24.47 3.28
C VAL A 98 -1.04 23.58 3.53
N ALA A 99 0.15 24.19 3.61
CA ALA A 99 1.36 23.43 3.81
C ALA A 99 1.37 22.73 5.17
N ARG A 100 0.85 23.41 6.20
CA ARG A 100 0.81 22.79 7.52
C ARG A 100 -0.12 21.57 7.54
N GLY A 101 -1.29 21.69 6.92
CA GLY A 101 -2.18 20.55 6.83
C GLY A 101 -1.58 19.39 6.07
N LEU A 102 -0.95 19.68 4.92
CA LEU A 102 -0.32 18.63 4.13
C LEU A 102 0.83 17.97 4.88
N ASP A 103 1.62 18.79 5.60
CA ASP A 103 2.71 18.26 6.40
C ASP A 103 2.19 17.30 7.46
N ARG A 104 1.10 17.66 8.13
CA ARG A 104 0.55 16.77 9.14
C ARG A 104 -0.01 15.49 8.52
N SER A 105 -0.58 15.57 7.32
CA SER A 105 -1.02 14.37 6.62
C SER A 105 0.16 13.44 6.35
N ILE A 106 1.27 14.01 5.87
CA ILE A 106 2.47 13.22 5.60
C ILE A 106 2.97 12.57 6.88
N ALA A 107 2.97 13.33 7.98
CA ALA A 107 3.43 12.81 9.26
C ALA A 107 2.54 11.67 9.75
N ALA A 108 1.23 11.78 9.55
CA ALA A 108 0.32 10.72 10.00
C ALA A 108 0.56 9.44 9.20
N GLY A 109 0.70 9.55 7.88
CA GLY A 109 1.02 8.38 7.08
C GLY A 109 2.36 7.76 7.47
N ALA A 110 3.36 8.60 7.71
CA ALA A 110 4.66 8.12 8.17
C ALA A 110 4.53 7.39 9.51
N ALA A 111 3.70 7.92 10.41
CA ALA A 111 3.51 7.27 11.70
C ALA A 111 2.88 5.89 11.53
N GLY A 112 1.90 5.77 10.62
CA GLY A 112 1.31 4.48 10.36
C GLY A 112 2.32 3.45 9.87
N HIS A 113 3.02 3.80 8.79
CA HIS A 113 4.00 2.87 8.24
C HIS A 113 5.11 2.56 9.23
N SER A 114 5.56 3.58 9.96
CA SER A 114 6.66 3.41 10.90
C SER A 114 6.26 2.54 12.08
N GLY A 115 5.04 2.69 12.59
CA GLY A 115 4.58 1.82 13.65
C GLY A 115 4.43 0.38 13.19
N HIS A 116 3.96 0.20 11.96
CA HIS A 116 3.95 -1.13 11.34
C HIS A 116 5.34 -1.76 11.41
N ALA A 117 6.35 -1.04 10.92
CA ALA A 117 7.70 -1.57 10.89
C ALA A 117 8.28 -1.72 12.30
N LYS A 118 7.89 -0.83 13.22
CA LYS A 118 8.36 -0.91 14.61
C LYS A 118 7.86 -2.18 15.28
N HIS A 119 6.59 -2.51 15.08
CA HIS A 119 6.07 -3.76 15.63
C HIS A 119 6.77 -4.95 15.02
N LEU A 120 7.06 -4.91 13.70
CA LEU A 120 7.81 -5.99 13.09
C LEU A 120 9.20 -6.13 13.71
N ALA A 121 9.87 -5.01 13.98
CA ALA A 121 11.19 -5.05 14.61
C ALA A 121 11.13 -5.65 16.00
N HIS A 122 10.11 -5.26 16.78
CA HIS A 122 9.94 -5.85 18.11
C HIS A 122 9.73 -7.35 18.02
N THR A 123 8.91 -7.79 17.06
CA THR A 123 8.65 -9.21 16.89
C THR A 123 9.93 -9.96 16.53
N LEU A 124 10.74 -9.41 15.63
CA LEU A 124 11.98 -10.08 15.25
C LEU A 124 12.94 -10.17 16.43
N LYS A 125 13.09 -9.08 17.18
CA LYS A 125 13.97 -9.10 18.35
C LYS A 125 13.50 -10.13 19.35
N LYS A 126 12.19 -10.17 19.63
CA LYS A 126 11.68 -11.12 20.60
C LYS A 126 11.87 -12.56 20.11
N ALA A 127 11.69 -12.79 18.81
CA ALA A 127 11.88 -14.13 18.26
C ALA A 127 13.31 -14.59 18.44
N VAL A 128 14.28 -13.74 18.10
CA VAL A 128 15.67 -14.17 18.17
C VAL A 128 16.27 -14.08 19.57
N GLN A 129 15.57 -13.46 20.52
CA GLN A 129 15.97 -13.52 21.92
C GLN A 129 15.33 -14.68 22.67
N GLY A 130 14.45 -15.44 22.02
CA GLY A 130 13.81 -16.57 22.64
C GLY A 130 12.47 -16.27 23.31
N LYS A 131 11.87 -15.12 23.01
CA LYS A 131 10.63 -14.71 23.68
C LYS A 131 9.39 -14.91 22.82
N ALA A 132 9.53 -15.44 21.61
CA ALA A 132 8.37 -15.70 20.76
C ALA A 132 8.72 -16.88 19.86
N ALA A 133 8.32 -18.08 20.27
CA ALA A 133 8.67 -19.30 19.55
C ALA A 133 7.84 -19.51 18.29
N SER A 134 6.70 -18.84 18.17
CA SER A 134 5.90 -18.94 16.95
C SER A 134 6.51 -18.15 15.79
N TYR A 135 7.55 -17.37 16.05
CA TYR A 135 8.21 -16.56 15.03
C TYR A 135 9.67 -16.99 14.94
N MET A 136 10.24 -16.83 13.75
CA MET A 136 11.59 -17.32 13.48
C MET A 136 12.14 -16.60 12.26
N ILE A 137 13.39 -16.90 11.93
CA ILE A 137 14.05 -16.39 10.73
C ILE A 137 13.68 -17.32 9.59
N LYS A 138 12.73 -16.92 8.75
CA LYS A 138 12.27 -17.77 7.67
C LYS A 138 12.99 -17.53 6.36
N ASP A 139 13.63 -16.38 6.20
CA ASP A 139 14.44 -16.07 5.00
C ASP A 139 15.84 -15.70 5.50
N ARG A 140 16.70 -16.71 5.61
CA ARG A 140 18.08 -16.50 6.03
C ARG A 140 18.83 -15.60 5.06
N THR A 141 18.61 -15.80 3.76
CA THR A 141 19.35 -15.06 2.74
C THR A 141 19.01 -13.56 2.78
N LYS A 142 17.73 -13.22 2.93
CA LYS A 142 17.36 -11.82 3.01
C LYS A 142 17.94 -11.17 4.25
N LEU A 143 17.94 -11.89 5.37
CA LEU A 143 18.58 -11.37 6.58
C LEU A 143 20.06 -11.06 6.33
N HIS A 144 20.75 -12.00 5.66
CA HIS A 144 22.17 -11.78 5.38
C HIS A 144 22.38 -10.58 4.48
N SER A 145 21.56 -10.44 3.43
CA SER A 145 21.77 -9.36 2.48
C SER A 145 21.43 -8.01 3.10
N ILE A 146 20.39 -7.96 3.95
CA ILE A 146 20.08 -6.73 4.66
C ILE A 146 21.21 -6.37 5.61
N ALA A 147 21.74 -7.35 6.34
CA ALA A 147 22.84 -7.07 7.27
C ALA A 147 24.07 -6.55 6.52
N LYS A 148 24.35 -7.11 5.35
CA LYS A 148 25.47 -6.62 4.55
C LYS A 148 25.21 -5.21 4.05
N ARG A 149 23.97 -4.92 3.63
CA ARG A 149 23.63 -3.58 3.17
C ARG A 149 23.80 -2.54 4.28
N LEU A 150 23.61 -2.94 5.53
CA LEU A 150 23.74 -2.02 6.66
C LEU A 150 25.14 -2.02 7.27
N GLY A 151 26.03 -2.91 6.83
CA GLY A 151 27.34 -3.02 7.44
C GLY A 151 27.38 -3.86 8.68
N ILE A 152 26.27 -4.50 9.06
CA ILE A 152 26.24 -5.45 10.17
C ILE A 152 27.02 -6.68 9.73
N PRO A 153 28.03 -7.11 10.48
CA PRO A 153 28.85 -8.24 10.03
C PRO A 153 28.09 -9.55 10.16
N THR A 154 28.08 -10.31 9.07
CA THR A 154 27.42 -11.61 9.00
C THR A 154 28.37 -12.77 9.22
N GLU A 155 29.54 -12.71 8.57
CA GLU A 155 30.52 -13.78 8.52
C GLU A 155 30.88 -14.28 9.91
N GLY A 156 30.74 -15.59 10.12
CA GLY A 156 31.09 -16.20 11.38
C GLY A 156 30.25 -15.76 12.56
N GLN A 157 29.00 -15.37 12.31
CA GLN A 157 28.11 -14.91 13.36
C GLN A 157 26.85 -15.76 13.38
N LYS A 158 26.33 -15.99 14.58
CA LYS A 158 25.06 -16.69 14.72
C LYS A 158 23.96 -15.94 13.98
N ASP A 159 23.09 -16.70 13.30
CA ASP A 159 22.01 -16.08 12.54
C ASP A 159 21.12 -15.24 13.44
N GLU A 160 20.79 -15.75 14.63
CA GLU A 160 20.00 -14.98 15.57
C GLU A 160 20.76 -13.75 16.06
N ASP A 161 22.09 -13.83 16.16
CA ASP A 161 22.87 -12.67 16.58
C ASP A 161 22.78 -11.54 15.55
N ILE A 162 22.97 -11.86 14.27
CA ILE A 162 22.87 -10.82 13.25
C ILE A 162 21.43 -10.36 13.09
N ALA A 163 20.45 -11.24 13.32
CA ALA A 163 19.05 -10.82 13.28
C ALA A 163 18.74 -9.84 14.40
N LEU A 164 19.26 -10.11 15.60
CA LEU A 164 19.12 -9.18 16.71
C LEU A 164 19.77 -7.85 16.40
N GLU A 165 20.97 -7.88 15.81
CA GLU A 165 21.64 -6.65 15.42
C GLU A 165 20.83 -5.88 14.38
N VAL A 166 20.25 -6.58 13.41
CA VAL A 166 19.41 -5.95 12.39
C VAL A 166 18.20 -5.30 13.02
N ALA A 167 17.55 -6.01 13.95
CA ALA A 167 16.38 -5.44 14.62
C ALA A 167 16.76 -4.21 15.44
N LYS A 168 17.93 -4.25 16.09
CA LYS A 168 18.39 -3.10 16.86
C LYS A 168 18.66 -1.90 15.97
N ALA A 169 19.28 -2.14 14.81
CA ALA A 169 19.48 -1.04 13.85
C ALA A 169 18.15 -0.47 13.38
N ALA A 170 17.17 -1.35 13.11
CA ALA A 170 15.86 -0.88 12.68
C ALA A 170 15.21 -0.02 13.76
N LEU A 171 15.28 -0.47 15.01
CA LEU A 171 14.69 0.31 16.10
C LEU A 171 15.43 1.63 16.30
N ALA A 172 16.75 1.62 16.12
CA ALA A 172 17.54 2.84 16.31
C ALA A 172 17.26 3.87 15.20
N ASP A 173 16.79 3.44 14.03
CA ASP A 173 16.54 4.38 12.90
C ASP A 173 15.37 5.31 13.23
N PHE A 174 14.68 5.03 14.35
CA PHE A 174 13.54 5.85 14.74
C PHE A 174 13.92 7.09 15.53
N HIS A 175 15.21 7.30 15.80
CA HIS A 175 15.64 8.44 16.58
C HIS A 175 17.01 8.89 16.09
N GLU A 176 17.44 10.05 16.59
CA GLU A 176 18.76 10.58 16.25
C GLU A 176 19.85 9.69 16.83
N LYS A 177 20.97 9.61 16.11
CA LYS A 177 22.10 8.77 16.48
C LYS A 177 23.29 9.20 15.64
N ASP A 178 24.34 8.36 15.65
CA ASP A 178 25.55 8.65 14.89
C ASP A 178 25.24 8.89 13.41
N THR A 179 24.25 8.19 12.88
CA THR A 179 24.00 8.12 11.45
C THR A 179 22.59 8.58 11.13
N PRO A 180 22.34 8.99 9.88
CA PRO A 180 20.96 9.29 9.47
C PRO A 180 20.14 8.01 9.31
N VAL A 181 18.92 8.13 8.80
CA VAL A 181 18.06 6.96 8.64
C VAL A 181 18.69 6.05 7.59
N LEU A 182 19.17 4.88 8.02
CA LEU A 182 19.84 3.97 7.10
C LEU A 182 18.86 3.37 6.09
N TRP A 183 17.61 3.13 6.50
CA TRP A 183 16.61 2.65 5.55
C TRP A 183 16.22 3.71 4.53
N VAL A 184 16.82 4.90 4.60
CA VAL A 184 16.76 5.88 3.52
C VAL A 184 18.08 5.85 2.77
N THR A 185 19.18 6.05 3.51
CA THR A 185 20.47 6.34 2.88
C THR A 185 21.14 5.13 2.25
N THR A 186 20.67 3.91 2.51
CA THR A 186 21.31 2.72 1.96
C THR A 186 20.40 1.96 1.01
N VAL A 187 19.31 2.58 0.55
CA VAL A 187 18.37 1.90 -0.32
C VAL A 187 18.17 2.71 -1.61
N LEU A 188 18.59 3.97 -1.59
CA LEU A 188 18.60 4.78 -2.79
C LEU A 188 20.02 4.93 -3.32
N PRO A 189 20.17 5.14 -4.63
CA PRO A 189 21.51 5.27 -5.17
C PRO A 189 22.24 6.45 -4.55
N PRO A 190 23.56 6.34 -4.39
CA PRO A 190 24.31 7.41 -3.68
C PRO A 190 24.16 8.78 -4.30
N SER A 191 23.99 8.88 -5.62
CA SER A 191 23.75 10.19 -6.23
C SER A 191 22.41 10.77 -5.79
N ARG A 192 21.37 9.93 -5.69
CA ARG A 192 20.09 10.39 -5.19
C ARG A 192 20.21 10.83 -3.73
N VAL A 193 20.95 10.07 -2.92
CA VAL A 193 21.18 10.46 -1.54
C VAL A 193 21.91 11.80 -1.47
N LYS A 194 22.87 12.01 -2.37
CA LYS A 194 23.58 13.29 -2.42
C LYS A 194 22.64 14.44 -2.78
N VAL A 195 21.77 14.21 -3.77
CA VAL A 195 20.82 15.25 -4.16
C VAL A 195 19.91 15.62 -3.00
N LEU A 196 19.40 14.61 -2.29
CA LEU A 196 18.51 14.90 -1.17
C LEU A 196 19.25 15.48 0.02
N SER A 197 20.54 15.17 0.17
CA SER A 197 21.33 15.74 1.25
C SER A 197 21.71 17.19 0.98
N ALA A 198 21.84 17.57 -0.29
CA ALA A 198 22.14 18.96 -0.61
C ALA A 198 21.00 19.90 -0.26
N HIS A 199 19.78 19.38 -0.10
CA HIS A 199 18.62 20.18 0.28
C HIS A 199 18.17 19.91 1.71
N GLY A 200 18.98 19.22 2.51
CA GLY A 200 18.59 18.89 3.87
C GLY A 200 17.36 18.04 3.98
N LEU A 201 17.13 17.13 3.03
CA LEU A 201 15.93 16.31 3.02
C LEU A 201 16.11 14.96 3.69
N ILE A 202 17.34 14.59 4.06
CA ILE A 202 17.62 13.27 4.62
C ILE A 202 17.15 13.25 6.07
N PRO A 203 16.28 12.30 6.43
CA PRO A 203 15.78 12.27 7.81
C PRO A 203 16.84 11.82 8.80
N ALA A 204 16.73 12.35 10.02
CA ALA A 204 17.61 11.95 11.11
C ALA A 204 17.02 10.81 11.93
N GLY A 205 15.72 10.84 12.17
CA GLY A 205 15.02 9.74 12.80
C GLY A 205 13.56 9.81 12.44
N ILE A 206 12.93 8.63 12.28
CA ILE A 206 11.57 8.58 11.77
C ILE A 206 10.62 9.30 12.73
N ASP A 207 10.59 8.87 14.00
CA ASP A 207 9.76 9.54 14.98
C ASP A 207 10.25 10.95 15.25
N HIS A 208 11.56 11.18 15.13
CA HIS A 208 12.08 12.54 15.22
C HIS A 208 11.44 13.45 14.17
N GLU A 209 11.39 12.97 12.92
CA GLU A 209 10.80 13.78 11.85
C GLU A 209 9.31 13.97 12.07
N ILE A 210 8.61 12.93 12.53
CA ILE A 210 7.17 13.05 12.78
C ILE A 210 6.92 14.10 13.87
N ALA A 211 7.67 14.03 14.97
CA ALA A 211 7.49 14.98 16.06
C ALA A 211 7.85 16.39 15.60
N GLU A 212 8.89 16.54 14.78
CA GLU A 212 9.26 17.86 14.31
C GLU A 212 8.20 18.43 13.37
N ILE A 213 7.54 17.58 12.58
CA ILE A 213 6.42 18.04 11.76
C ILE A 213 5.30 18.56 12.66
N MET A 214 4.96 17.78 13.70
CA MET A 214 3.90 18.22 14.61
C MET A 214 4.29 19.51 15.32
N HIS A 215 5.58 19.69 15.62
CA HIS A 215 6.05 20.90 16.27
C HIS A 215 5.96 22.11 15.35
N ARG A 216 6.46 21.99 14.11
CA ARG A 216 6.57 23.13 13.23
C ARG A 216 5.22 23.57 12.68
N THR A 217 4.25 22.66 12.58
CA THR A 217 2.96 23.00 12.03
C THR A 217 1.97 23.49 13.08
N SER A 218 2.31 23.40 14.36
CA SER A 218 1.46 23.98 15.39
C SER A 218 1.55 25.50 15.34
N MET A 219 0.65 26.15 16.07
CA MET A 219 0.49 27.59 15.96
C MET A 219 1.75 28.33 16.38
N GLY A 220 2.07 29.40 15.64
CA GLY A 220 3.16 30.29 16.00
C GLY A 220 4.53 29.81 15.57
N CYS A 221 4.62 28.60 15.04
CA CYS A 221 5.84 28.02 14.52
C CYS A 221 5.95 28.33 13.03
N ASP A 222 6.66 27.48 12.29
CA ASP A 222 6.90 27.65 10.85
C ASP A 222 5.72 28.27 10.12
N ALA A 223 5.98 29.32 9.36
CA ALA A 223 4.97 30.01 8.59
C ALA A 223 5.56 30.43 7.25
N ASP A 224 6.30 29.52 6.63
CA ASP A 224 6.94 29.73 5.34
C ASP A 224 6.66 28.50 4.48
N ALA A 225 5.97 28.70 3.36
CA ALA A 225 5.46 27.58 2.59
C ALA A 225 6.58 26.68 2.08
N GLN A 226 7.65 27.28 1.54
CA GLN A 226 8.76 26.49 1.02
C GLN A 226 9.43 25.69 2.14
N ASN A 227 9.64 26.32 3.30
CA ASN A 227 10.22 25.63 4.45
C ASN A 227 9.37 24.44 4.86
N LEU A 228 8.06 24.66 4.96
CA LEU A 228 7.16 23.59 5.38
C LEU A 228 7.15 22.44 4.37
N LEU A 229 7.15 22.76 3.08
CA LEU A 229 7.13 21.70 2.07
C LEU A 229 8.44 20.92 2.05
N LEU A 230 9.58 21.57 2.30
CA LEU A 230 10.83 20.83 2.41
C LEU A 230 10.83 19.90 3.62
N GLY A 231 10.33 20.40 4.76
CA GLY A 231 10.17 19.52 5.91
C GLY A 231 9.25 18.35 5.62
N GLY A 232 8.19 18.60 4.84
CA GLY A 232 7.29 17.52 4.46
C GLY A 232 7.97 16.49 3.57
N LEU A 233 8.86 16.94 2.68
CA LEU A 233 9.64 16.00 1.88
C LEU A 233 10.50 15.11 2.78
N ARG A 234 11.13 15.71 3.80
CA ARG A 234 11.93 14.91 4.73
C ARG A 234 11.05 13.90 5.46
N CYS A 235 9.87 14.32 5.91
CA CYS A 235 8.98 13.39 6.60
C CYS A 235 8.49 12.28 5.68
N SER A 236 8.28 12.59 4.40
CA SER A 236 7.91 11.57 3.43
C SER A 236 9.03 10.57 3.25
N LEU A 237 10.28 11.02 3.28
CA LEU A 237 11.39 10.07 3.25
C LEU A 237 11.41 9.20 4.51
N ALA A 238 11.04 9.77 5.66
CA ALA A 238 10.87 8.93 6.85
C ALA A 238 9.82 7.85 6.62
N ASP A 239 8.72 8.21 5.95
CA ASP A 239 7.70 7.21 5.60
C ASP A 239 8.26 6.14 4.67
N LEU A 240 9.07 6.55 3.69
CA LEU A 240 9.70 5.58 2.79
C LEU A 240 10.58 4.62 3.57
N ALA A 241 11.35 5.13 4.53
CA ALA A 241 12.16 4.27 5.37
C ALA A 241 11.29 3.28 6.14
N GLY A 242 10.17 3.76 6.68
CA GLY A 242 9.27 2.86 7.38
C GLY A 242 8.74 1.75 6.49
N CYS A 243 8.37 2.09 5.24
CA CYS A 243 7.88 1.07 4.30
C CYS A 243 8.97 0.05 3.99
N TYR A 244 10.18 0.53 3.70
CA TYR A 244 11.28 -0.39 3.37
C TYR A 244 11.61 -1.30 4.54
N MET A 245 11.63 -0.76 5.75
CA MET A 245 11.92 -1.56 6.93
C MET A 245 10.83 -2.59 7.18
N GLY A 246 9.57 -2.20 7.00
CA GLY A 246 8.48 -3.15 7.16
C GLY A 246 8.59 -4.31 6.18
N THR A 247 8.87 -3.99 4.91
CA THR A 247 9.07 -5.06 3.93
C THR A 247 10.23 -5.96 4.32
N ASP A 248 11.35 -5.36 4.74
CA ASP A 248 12.53 -6.13 5.11
C ASP A 248 12.23 -7.09 6.25
N LEU A 249 11.63 -6.58 7.33
CA LEU A 249 11.40 -7.42 8.49
C LEU A 249 10.34 -8.48 8.24
N ALA A 250 9.28 -8.11 7.51
CA ALA A 250 8.26 -9.10 7.16
C ALA A 250 8.84 -10.20 6.28
N ASP A 251 9.77 -9.85 5.39
CA ASP A 251 10.41 -10.87 4.58
C ASP A 251 11.34 -11.76 5.41
N ILE A 252 12.05 -11.16 6.37
CA ILE A 252 12.93 -11.95 7.22
C ILE A 252 12.11 -12.96 8.03
N LEU A 253 11.00 -12.50 8.62
CA LEU A 253 10.25 -13.34 9.54
C LEU A 253 9.34 -14.33 8.80
N PHE A 254 8.71 -13.91 7.70
CA PHE A 254 7.67 -14.68 7.05
C PHE A 254 8.01 -15.13 5.64
N GLY A 255 9.09 -14.64 5.05
CA GLY A 255 9.51 -15.13 3.75
C GLY A 255 9.30 -14.13 2.63
N THR A 256 10.24 -14.12 1.68
CA THR A 256 10.14 -13.26 0.51
C THR A 256 9.19 -13.88 -0.51
N PRO A 257 8.18 -13.14 -0.97
CA PRO A 257 7.19 -13.73 -1.88
C PRO A 257 7.82 -14.19 -3.19
N ALA A 258 7.26 -15.26 -3.72
CA ALA A 258 7.55 -15.81 -5.04
C ALA A 258 6.25 -15.89 -5.81
N PRO A 259 6.29 -16.03 -7.14
CA PRO A 259 5.05 -16.11 -7.92
C PRO A 259 4.09 -17.16 -7.37
N VAL A 260 2.80 -16.88 -7.48
CA VAL A 260 1.78 -17.74 -6.90
C VAL A 260 0.47 -17.46 -7.60
N VAL A 261 -0.42 -18.44 -7.60
CA VAL A 261 -1.71 -18.35 -8.26
C VAL A 261 -2.81 -18.50 -7.22
N THR A 262 -3.83 -17.65 -7.32
CA THR A 262 -4.95 -17.65 -6.40
C THR A 262 -6.15 -17.01 -7.09
N GLU A 263 -7.17 -16.66 -6.31
CA GLU A 263 -8.38 -16.07 -6.84
C GLU A 263 -8.79 -14.87 -5.99
N SER A 264 -9.54 -13.95 -6.59
CA SER A 264 -9.92 -12.71 -5.94
C SER A 264 -11.44 -12.53 -5.99
N ASN A 265 -11.91 -11.51 -5.26
CA ASN A 265 -13.30 -11.09 -5.18
C ASN A 265 -14.11 -12.00 -4.25
N LEU A 266 -15.40 -11.69 -4.08
CA LEU A 266 -16.21 -12.31 -3.04
C LEU A 266 -16.39 -13.81 -3.26
N GLY A 267 -16.42 -14.25 -4.52
CA GLY A 267 -16.71 -15.64 -4.85
C GLY A 267 -15.79 -16.65 -4.18
N VAL A 268 -14.68 -16.17 -3.62
CA VAL A 268 -13.77 -17.03 -2.88
C VAL A 268 -14.35 -17.46 -1.53
N LEU A 269 -15.48 -16.91 -1.13
CA LEU A 269 -16.16 -17.37 0.06
C LEU A 269 -17.03 -18.58 -0.25
N LYS A 270 -17.18 -19.46 0.75
CA LYS A 270 -17.89 -20.71 0.58
C LYS A 270 -18.92 -20.85 1.70
N ALA A 271 -20.17 -21.11 1.32
CA ALA A 271 -21.24 -21.21 2.30
C ALA A 271 -21.02 -22.36 3.27
N ASP A 272 -20.29 -23.40 2.84
CA ASP A 272 -20.09 -24.60 3.62
C ASP A 272 -18.72 -24.65 4.29
N ALA A 273 -18.11 -23.50 4.52
CA ALA A 273 -16.81 -23.41 5.19
C ALA A 273 -16.85 -22.31 6.23
N VAL A 274 -15.91 -22.37 7.16
CA VAL A 274 -15.79 -21.35 8.21
C VAL A 274 -15.01 -20.17 7.63
N ASN A 275 -15.70 -19.09 7.32
CA ASN A 275 -15.11 -17.97 6.60
C ASN A 275 -14.46 -17.01 7.59
N VAL A 276 -13.13 -16.91 7.51
CA VAL A 276 -12.33 -16.07 8.38
C VAL A 276 -11.57 -15.09 7.49
N ALA A 277 -11.86 -13.80 7.60
CA ALA A 277 -11.24 -12.78 6.79
C ALA A 277 -10.26 -11.98 7.63
N VAL A 278 -9.01 -11.92 7.19
CA VAL A 278 -7.97 -11.16 7.87
C VAL A 278 -7.87 -9.78 7.21
N HIS A 279 -7.97 -8.74 8.03
CA HIS A 279 -8.17 -7.38 7.55
C HIS A 279 -7.25 -6.43 8.33
N GLY A 280 -6.57 -5.56 7.60
CA GLY A 280 -5.65 -4.63 8.22
C GLY A 280 -4.35 -4.50 7.45
N HIS A 281 -3.25 -4.27 8.15
CA HIS A 281 -1.97 -4.12 7.48
C HIS A 281 -0.86 -4.97 8.04
N ASN A 282 -0.83 -5.19 9.36
CA ASN A 282 0.29 -5.89 9.98
C ASN A 282 0.12 -7.39 9.82
N PRO A 283 1.03 -8.08 9.13
CA PRO A 283 0.87 -9.53 8.93
C PRO A 283 1.28 -10.38 10.12
N VAL A 284 1.86 -9.77 11.17
CA VAL A 284 2.40 -10.51 12.30
C VAL A 284 1.37 -11.45 12.92
N LEU A 285 0.10 -11.12 12.77
CA LEU A 285 -1.05 -11.87 13.30
C LEU A 285 -1.65 -12.83 12.28
N SER A 286 -1.94 -12.32 11.09
CA SER A 286 -2.66 -13.12 10.11
C SER A 286 -1.80 -14.23 9.53
N ASP A 287 -0.47 -14.05 9.52
CA ASP A 287 0.40 -15.14 9.10
C ASP A 287 0.27 -16.33 10.04
N ILE A 288 0.15 -16.06 11.35
CA ILE A 288 -0.08 -17.13 12.31
C ILE A 288 -1.48 -17.72 12.14
N ILE A 289 -2.46 -16.86 11.82
CA ILE A 289 -3.82 -17.35 11.59
C ILE A 289 -3.83 -18.38 10.45
N VAL A 290 -3.12 -18.07 9.36
CA VAL A 290 -3.10 -18.94 8.20
C VAL A 290 -2.59 -20.33 8.57
N SER A 291 -1.60 -20.39 9.45
CA SER A 291 -1.04 -21.68 9.85
C SER A 291 -1.96 -22.41 10.82
N VAL A 292 -2.45 -21.72 11.85
CA VAL A 292 -3.23 -22.39 12.88
C VAL A 292 -4.54 -22.93 12.32
N SER A 293 -5.10 -22.25 11.31
CA SER A 293 -6.36 -22.69 10.72
C SER A 293 -6.26 -24.11 10.16
N LYS A 294 -5.15 -24.42 9.49
CA LYS A 294 -4.98 -25.76 8.95
C LYS A 294 -4.93 -26.82 10.04
N GLU A 295 -4.41 -26.46 11.21
CA GLU A 295 -4.42 -27.39 12.33
C GLU A 295 -5.82 -27.51 12.95
N MET A 296 -6.63 -26.47 12.85
CA MET A 296 -8.02 -26.54 13.32
C MET A 296 -9.00 -27.01 12.25
N GLU A 297 -8.49 -27.46 11.10
CA GLU A 297 -9.35 -28.06 10.08
C GLU A 297 -10.26 -29.15 10.65
N ASN A 298 -9.71 -30.03 11.49
CA ASN A 298 -10.52 -31.12 12.06
C ASN A 298 -11.62 -30.56 12.96
N GLU A 299 -11.30 -29.54 13.74
CA GLU A 299 -12.31 -28.90 14.57
C GLU A 299 -13.42 -28.31 13.71
N ALA A 300 -13.02 -27.67 12.61
CA ALA A 300 -14.01 -27.12 11.68
C ALA A 300 -14.90 -28.20 11.12
N ARG A 301 -14.32 -29.35 10.76
CA ARG A 301 -15.12 -30.48 10.30
C ARG A 301 -16.10 -30.93 11.37
N ALA A 302 -15.65 -30.98 12.63
CA ALA A 302 -16.53 -31.36 13.73
C ALA A 302 -17.73 -30.41 13.84
N ALA A 303 -17.50 -29.13 13.58
CA ALA A 303 -18.60 -28.16 13.61
C ALA A 303 -19.61 -28.38 12.50
N GLY A 304 -19.29 -29.19 11.49
CA GLY A 304 -20.16 -29.37 10.35
C GLY A 304 -19.79 -28.45 9.21
N ALA A 305 -18.50 -28.27 9.00
CA ALA A 305 -17.98 -27.38 7.97
C ALA A 305 -16.87 -28.09 7.20
N THR A 306 -16.66 -27.64 5.96
CA THR A 306 -15.64 -28.26 5.12
C THR A 306 -14.23 -27.90 5.58
N GLY A 307 -14.05 -26.70 6.11
CA GLY A 307 -12.74 -26.27 6.57
C GLY A 307 -12.79 -24.83 7.02
N ILE A 308 -11.62 -24.27 7.31
CA ILE A 308 -11.51 -22.87 7.69
C ILE A 308 -11.01 -22.13 6.44
N ASN A 309 -11.95 -21.53 5.72
CA ASN A 309 -11.68 -20.75 4.52
C ASN A 309 -11.18 -19.37 4.96
N VAL A 310 -9.87 -19.17 4.88
CA VAL A 310 -9.26 -17.90 5.26
C VAL A 310 -9.10 -17.05 4.00
N VAL A 311 -9.69 -15.86 4.03
CA VAL A 311 -9.61 -14.91 2.94
C VAL A 311 -8.98 -13.62 3.47
N GLY A 312 -8.59 -12.76 2.54
CA GLY A 312 -7.89 -11.54 2.87
C GLY A 312 -8.69 -10.32 2.48
N ILE A 313 -8.51 -9.24 3.25
CA ILE A 313 -9.09 -7.95 2.95
C ILE A 313 -8.01 -6.90 3.15
N CYS A 314 -7.92 -5.97 2.21
CA CYS A 314 -6.98 -4.84 2.28
C CYS A 314 -5.54 -5.40 2.29
N CYS A 315 -4.64 -4.77 3.06
CA CYS A 315 -3.21 -4.98 2.84
C CYS A 315 -2.66 -6.19 3.58
N THR A 316 -3.16 -6.51 4.78
CA THR A 316 -2.75 -7.77 5.38
C THR A 316 -3.27 -8.96 4.56
N GLY A 317 -4.44 -8.79 3.94
CA GLY A 317 -4.90 -9.78 2.99
C GLY A 317 -3.96 -9.91 1.80
N ASN A 318 -3.46 -8.77 1.31
CA ASN A 318 -2.47 -8.84 0.24
C ASN A 318 -1.16 -9.47 0.69
N GLU A 319 -0.77 -9.27 1.95
CA GLU A 319 0.43 -9.92 2.47
C GLU A 319 0.28 -11.44 2.44
N VAL A 320 -0.82 -11.95 3.00
CA VAL A 320 -1.04 -13.40 2.96
C VAL A 320 -1.29 -13.89 1.55
N LEU A 321 -1.80 -13.04 0.65
CA LEU A 321 -1.94 -13.43 -0.75
C LEU A 321 -0.58 -13.59 -1.42
N MET A 322 0.36 -12.69 -1.12
CA MET A 322 1.68 -12.76 -1.74
C MET A 322 2.51 -13.89 -1.16
N ARG A 323 2.31 -14.21 0.12
CA ARG A 323 3.16 -15.22 0.76
C ARG A 323 2.57 -16.62 0.77
N HIS A 324 1.24 -16.76 0.72
CA HIS A 324 0.61 -18.07 0.92
C HIS A 324 -0.48 -18.39 -0.08
N GLY A 325 -0.75 -17.51 -1.05
CA GLY A 325 -1.85 -17.75 -1.97
C GLY A 325 -3.22 -17.73 -1.32
N ILE A 326 -3.42 -16.87 -0.33
CA ILE A 326 -4.72 -16.76 0.32
C ILE A 326 -5.63 -15.87 -0.53
N PRO A 327 -6.86 -16.30 -0.83
CA PRO A 327 -7.70 -15.53 -1.77
C PRO A 327 -8.00 -14.13 -1.25
N ALA A 328 -8.10 -13.20 -2.20
CA ALA A 328 -8.42 -11.80 -1.90
C ALA A 328 -9.93 -11.62 -1.96
N CYS A 329 -10.56 -11.54 -0.78
CA CYS A 329 -12.01 -11.41 -0.73
C CYS A 329 -12.47 -10.07 -1.28
N THR A 330 -11.89 -8.97 -0.80
CA THR A 330 -12.27 -7.63 -1.22
C THR A 330 -11.24 -6.65 -0.67
N HIS A 331 -11.41 -5.37 -1.02
CA HIS A 331 -10.45 -4.34 -0.64
C HIS A 331 -11.16 -3.03 -0.34
N SER A 332 -10.58 -2.26 0.56
CA SER A 332 -10.77 -0.80 0.68
C SER A 332 -12.26 -0.47 0.80
N VAL A 333 -12.80 0.44 -0.01
CA VAL A 333 -14.10 1.05 0.20
C VAL A 333 -15.23 0.04 0.24
N SER A 334 -15.02 -1.16 -0.30
CA SER A 334 -16.08 -2.17 -0.39
C SER A 334 -15.95 -3.27 0.66
N GLN A 335 -15.13 -3.07 1.70
CA GLN A 335 -14.92 -4.12 2.68
C GLN A 335 -16.23 -4.61 3.29
N GLU A 336 -17.14 -3.68 3.62
CA GLU A 336 -18.41 -4.06 4.24
C GLU A 336 -19.15 -5.10 3.41
N MET A 337 -18.99 -5.07 2.09
CA MET A 337 -19.75 -5.96 1.24
C MET A 337 -19.49 -7.42 1.56
N ALA A 338 -18.29 -7.73 2.06
CA ALA A 338 -18.03 -9.10 2.49
C ALA A 338 -19.04 -9.55 3.53
N MET A 339 -19.23 -8.73 4.57
CA MET A 339 -20.22 -9.05 5.60
C MET A 339 -21.62 -9.11 5.01
N ILE A 340 -21.88 -8.38 3.93
CA ILE A 340 -23.21 -8.38 3.33
C ILE A 340 -23.52 -9.73 2.69
N THR A 341 -22.52 -10.56 2.45
CA THR A 341 -22.81 -11.91 1.97
C THR A 341 -23.61 -12.70 3.00
N GLY A 342 -23.40 -12.41 4.29
CA GLY A 342 -24.00 -13.17 5.36
C GLY A 342 -23.26 -14.43 5.72
N ALA A 343 -22.20 -14.78 4.98
CA ALA A 343 -21.42 -15.99 5.22
C ALA A 343 -20.03 -15.68 5.77
N LEU A 344 -19.79 -14.44 6.20
CA LEU A 344 -18.51 -14.08 6.82
C LEU A 344 -18.63 -14.28 8.32
N ASP A 345 -17.99 -15.33 8.83
CA ASP A 345 -18.10 -15.67 10.24
C ASP A 345 -17.10 -14.95 11.12
N ALA A 346 -15.94 -14.55 10.60
CA ALA A 346 -14.97 -13.85 11.42
C ALA A 346 -14.26 -12.78 10.61
N MET A 347 -14.02 -11.62 11.24
CA MET A 347 -13.21 -10.56 10.65
C MET A 347 -12.16 -10.15 11.67
N ILE A 348 -10.91 -10.52 11.39
CA ILE A 348 -9.80 -10.33 12.31
C ILE A 348 -9.06 -9.06 11.89
N LEU A 349 -9.21 -8.01 12.69
CA LEU A 349 -8.64 -6.71 12.37
C LEU A 349 -7.42 -6.43 13.24
N ASP A 350 -6.35 -5.93 12.64
CA ASP A 350 -5.24 -5.41 13.43
C ASP A 350 -5.33 -3.89 13.55
N TYR A 351 -5.23 -3.17 12.44
CA TYR A 351 -5.27 -1.71 12.42
C TYR A 351 -5.12 -1.22 10.96
N GLN A 352 -5.24 0.10 10.79
CA GLN A 352 -4.98 0.77 9.51
C GLN A 352 -5.95 0.48 8.37
N CYS A 353 -7.02 1.29 8.25
CA CYS A 353 -7.99 1.29 7.15
C CYS A 353 -9.18 0.37 7.34
N ILE A 354 -9.41 -0.10 8.57
CA ILE A 354 -10.68 -0.74 8.91
C ILE A 354 -11.75 0.32 9.09
N GLN A 355 -12.81 0.25 8.30
CA GLN A 355 -13.98 1.08 8.56
C GLN A 355 -14.62 0.64 9.87
N PRO A 356 -14.75 1.53 10.86
CA PRO A 356 -15.41 1.13 12.11
C PRO A 356 -16.85 0.70 11.92
N SER A 357 -17.46 1.04 10.78
CA SER A 357 -18.85 0.66 10.51
C SER A 357 -19.04 -0.84 10.61
N VAL A 358 -18.00 -1.64 10.34
CA VAL A 358 -18.13 -3.08 10.42
C VAL A 358 -18.62 -3.49 11.80
N ALA A 359 -18.12 -2.84 12.86
CA ALA A 359 -18.52 -3.17 14.21
C ALA A 359 -20.04 -3.05 14.37
N THR A 360 -20.63 -2.02 13.74
CA THR A 360 -22.09 -1.93 13.74
C THR A 360 -22.70 -2.93 12.78
N ILE A 361 -22.14 -3.06 11.57
CA ILE A 361 -22.76 -3.87 10.52
C ILE A 361 -22.81 -5.33 10.95
N ALA A 362 -21.84 -5.75 11.78
CA ALA A 362 -21.84 -7.11 12.30
C ALA A 362 -23.17 -7.48 12.93
N GLU A 363 -23.81 -6.54 13.64
CA GLU A 363 -25.05 -6.83 14.34
C GLU A 363 -26.13 -7.33 13.40
N CYS A 364 -26.05 -6.99 12.11
CA CYS A 364 -27.05 -7.41 11.15
C CYS A 364 -26.62 -8.60 10.30
N THR A 365 -25.34 -8.99 10.35
CA THR A 365 -24.83 -10.01 9.45
C THR A 365 -24.31 -11.25 10.14
N GLY A 366 -24.38 -11.32 11.47
CA GLY A 366 -23.84 -12.48 12.17
C GLY A 366 -22.36 -12.66 11.95
N THR A 367 -21.60 -11.56 11.98
CA THR A 367 -20.16 -11.60 11.81
C THR A 367 -19.50 -11.21 13.12
N THR A 368 -18.57 -12.04 13.58
CA THR A 368 -17.78 -11.72 14.77
C THR A 368 -16.58 -10.89 14.31
N VAL A 369 -16.59 -9.60 14.66
CA VAL A 369 -15.50 -8.69 14.36
C VAL A 369 -14.59 -8.63 15.58
N ILE A 370 -13.30 -8.90 15.37
CA ILE A 370 -12.36 -9.12 16.45
C ILE A 370 -11.15 -8.21 16.25
N THR A 371 -11.00 -7.23 17.13
CA THR A 371 -9.77 -6.44 17.18
C THR A 371 -8.73 -7.17 18.02
N THR A 372 -7.46 -6.89 17.73
CA THR A 372 -6.36 -7.61 18.37
C THR A 372 -5.22 -6.71 18.84
N MET A 373 -5.26 -5.42 18.52
CA MET A 373 -4.16 -4.51 18.85
C MET A 373 -4.66 -3.49 19.85
N GLU A 374 -3.79 -3.17 20.83
CA GLU A 374 -4.20 -2.30 21.93
C GLU A 374 -4.54 -0.90 21.45
N MET A 375 -3.73 -0.33 20.55
CA MET A 375 -3.97 1.02 20.09
C MET A 375 -5.00 1.11 18.97
N SER A 376 -5.67 -0.01 18.64
CA SER A 376 -6.72 -0.02 17.62
C SER A 376 -7.85 -0.92 18.09
N LYS A 377 -8.82 -0.33 18.80
CA LYS A 377 -10.05 -1.00 19.16
C LYS A 377 -11.23 -0.22 18.56
N ILE A 378 -12.37 -0.90 18.45
CA ILE A 378 -13.60 -0.30 17.96
C ILE A 378 -14.73 -0.65 18.92
N THR A 379 -15.56 0.35 19.23
CA THR A 379 -16.66 0.16 20.16
C THR A 379 -17.65 -0.86 19.64
N GLY A 380 -17.85 -1.93 20.41
CA GLY A 380 -18.83 -2.96 20.08
C GLY A 380 -18.25 -4.25 19.54
N ALA A 381 -16.94 -4.37 19.40
CA ALA A 381 -16.31 -5.55 18.85
C ALA A 381 -15.56 -6.31 19.94
N THR A 382 -15.64 -7.64 19.88
CA THR A 382 -14.83 -8.49 20.76
C THR A 382 -13.36 -8.22 20.53
N HIS A 383 -12.60 -8.09 21.61
CA HIS A 383 -11.18 -7.80 21.54
C HIS A 383 -10.39 -8.96 22.12
N VAL A 384 -9.35 -9.39 21.42
CA VAL A 384 -8.44 -10.44 21.87
C VAL A 384 -7.05 -9.84 21.90
N ASN A 385 -6.47 -9.72 23.09
CA ASN A 385 -5.18 -9.05 23.25
C ASN A 385 -4.09 -9.95 22.67
N PHE A 386 -3.63 -9.60 21.46
CA PHE A 386 -2.58 -10.37 20.82
C PHE A 386 -1.23 -10.14 21.48
N ALA A 387 -0.42 -11.19 21.51
CA ALA A 387 0.97 -11.10 21.95
C ALA A 387 1.76 -12.19 21.23
N GLU A 388 2.93 -11.81 20.72
CA GLU A 388 3.77 -12.78 20.01
C GLU A 388 4.15 -13.95 20.91
N GLU A 389 4.16 -13.73 22.23
CA GLU A 389 4.36 -14.81 23.19
C GLU A 389 3.19 -15.78 23.25
N ALA A 390 2.04 -15.43 22.67
CA ALA A 390 0.85 -16.27 22.73
C ALA A 390 0.11 -16.31 21.41
N ALA A 391 0.83 -16.08 20.30
CA ALA A 391 0.16 -15.91 19.01
C ALA A 391 -0.66 -17.13 18.62
N VAL A 392 -0.10 -18.34 18.83
CA VAL A 392 -0.84 -19.55 18.52
C VAL A 392 -2.06 -19.69 19.43
N GLU A 393 -1.89 -19.35 20.72
CA GLU A 393 -2.99 -19.41 21.67
C GLU A 393 -4.11 -18.43 21.28
N ASN A 394 -3.73 -17.19 20.98
CA ASN A 394 -4.71 -16.20 20.52
C ASN A 394 -5.43 -16.69 19.27
N ALA A 395 -4.66 -17.23 18.31
CA ALA A 395 -5.24 -17.66 17.04
C ALA A 395 -6.23 -18.81 17.25
N LYS A 396 -5.88 -19.77 18.11
CA LYS A 396 -6.81 -20.85 18.40
C LYS A 396 -8.10 -20.31 19.00
N GLN A 397 -7.99 -19.37 19.94
CA GLN A 397 -9.20 -18.77 20.51
C GLN A 397 -10.05 -18.07 19.45
N ILE A 398 -9.40 -17.28 18.58
CA ILE A 398 -10.12 -16.49 17.60
C ILE A 398 -10.83 -17.39 16.59
N LEU A 399 -10.12 -18.40 16.07
CA LEU A 399 -10.76 -19.31 15.12
C LEU A 399 -11.83 -20.17 15.80
N ARG A 400 -11.71 -20.43 17.11
CA ARG A 400 -12.79 -21.10 17.81
C ARG A 400 -14.04 -20.23 17.86
N LEU A 401 -13.87 -18.92 18.09
CA LEU A 401 -15.01 -18.01 17.99
C LEU A 401 -15.60 -18.03 16.59
N ALA A 402 -14.74 -18.09 15.56
CA ALA A 402 -15.22 -18.18 14.18
C ALA A 402 -16.04 -19.44 13.97
N ILE A 403 -15.60 -20.57 14.54
CA ILE A 403 -16.33 -21.82 14.44
C ILE A 403 -17.69 -21.72 15.11
N ASP A 404 -17.73 -21.08 16.28
CA ASP A 404 -19.02 -20.80 16.93
C ASP A 404 -19.94 -20.02 16.00
N THR A 405 -19.39 -18.99 15.35
CA THR A 405 -20.19 -18.15 14.47
C THR A 405 -20.73 -18.93 13.28
N PHE A 406 -19.91 -19.83 12.71
CA PHE A 406 -20.43 -20.70 11.67
C PHE A 406 -21.55 -21.58 12.19
N LYS A 407 -21.37 -22.15 13.39
CA LYS A 407 -22.38 -23.04 13.95
C LYS A 407 -23.71 -22.32 14.15
N ARG A 408 -23.66 -21.01 14.42
CA ARG A 408 -24.91 -20.28 14.59
C ARG A 408 -25.70 -20.14 13.29
N ARG A 409 -25.05 -20.27 12.12
CA ARG A 409 -25.68 -19.99 10.85
C ARG A 409 -25.91 -21.25 9.99
N LYS A 410 -25.75 -22.44 10.56
CA LYS A 410 -25.86 -23.67 9.77
C LYS A 410 -27.23 -23.79 9.09
N GLY A 411 -27.22 -23.91 7.77
CA GLY A 411 -28.42 -24.16 7.00
C GLY A 411 -29.19 -22.92 6.61
N LYS A 412 -28.82 -21.75 7.13
CA LYS A 412 -29.50 -20.51 6.84
C LYS A 412 -29.05 -19.96 5.48
N PRO A 413 -29.83 -19.07 4.88
CA PRO A 413 -29.50 -18.62 3.51
C PRO A 413 -28.45 -17.53 3.48
N VAL A 414 -27.54 -17.64 2.51
CA VAL A 414 -26.54 -16.63 2.23
C VAL A 414 -26.57 -16.32 0.74
N GLU A 415 -26.01 -15.17 0.37
CA GLU A 415 -25.82 -14.79 -1.03
C GLU A 415 -24.37 -14.39 -1.22
N ILE A 416 -23.55 -15.36 -1.62
CA ILE A 416 -22.17 -15.10 -2.03
C ILE A 416 -22.16 -14.98 -3.55
N PRO A 417 -21.88 -13.80 -4.11
CA PRO A 417 -21.82 -13.68 -5.57
C PRO A 417 -20.80 -14.64 -6.15
N ASN A 418 -21.18 -15.31 -7.24
CA ASN A 418 -20.31 -16.28 -7.90
C ASN A 418 -19.42 -15.57 -8.92
N ILE A 419 -18.57 -14.69 -8.40
CA ILE A 419 -17.74 -13.80 -9.21
C ILE A 419 -16.33 -13.82 -8.63
N LYS A 420 -15.38 -14.39 -9.35
CA LYS A 420 -14.00 -14.42 -8.91
C LYS A 420 -13.08 -14.48 -10.11
N THR A 421 -11.99 -13.70 -10.04
CA THR A 421 -10.98 -13.67 -11.09
C THR A 421 -9.75 -14.48 -10.67
N LYS A 422 -8.93 -14.80 -11.66
CA LYS A 422 -7.67 -15.49 -11.44
C LYS A 422 -6.57 -14.46 -11.23
N VAL A 423 -5.74 -14.66 -10.21
CA VAL A 423 -4.73 -13.68 -9.81
C VAL A 423 -3.39 -14.39 -9.72
N VAL A 424 -2.43 -13.95 -10.53
CA VAL A 424 -1.04 -14.37 -10.40
C VAL A 424 -0.27 -13.23 -9.75
N ALA A 425 0.33 -13.52 -8.61
CA ALA A 425 0.95 -12.49 -7.76
C ALA A 425 2.24 -13.05 -7.21
N GLY A 426 2.76 -12.42 -6.16
CA GLY A 426 4.01 -12.85 -5.58
C GLY A 426 5.24 -12.31 -6.27
N PHE A 427 5.10 -11.20 -7.00
CA PHE A 427 6.22 -10.65 -7.77
C PHE A 427 7.02 -9.67 -6.91
N SER A 428 7.72 -10.24 -5.94
CA SER A 428 8.71 -9.47 -5.21
C SER A 428 9.85 -9.08 -6.16
N THR A 429 10.58 -8.03 -5.78
CA THR A 429 11.72 -7.62 -6.59
C THR A 429 12.71 -8.76 -6.78
N GLU A 430 12.89 -9.58 -5.74
CA GLU A 430 13.74 -10.76 -5.87
C GLU A 430 13.19 -11.72 -6.93
N ALA A 431 11.88 -11.98 -6.87
CA ALA A 431 11.27 -12.89 -7.85
C ALA A 431 11.35 -12.30 -9.25
N ILE A 432 11.16 -10.99 -9.39
CA ILE A 432 11.25 -10.34 -10.69
C ILE A 432 12.66 -10.45 -11.25
N ILE A 433 13.67 -10.21 -10.41
CA ILE A 433 15.06 -10.31 -10.85
C ILE A 433 15.39 -11.75 -11.26
N ASN A 434 14.85 -12.72 -10.54
CA ASN A 434 15.09 -14.12 -10.91
C ASN A 434 14.44 -14.46 -12.25
N ALA A 435 13.16 -14.10 -12.40
CA ALA A 435 12.46 -14.33 -13.66
C ALA A 435 13.16 -13.67 -14.82
N LEU A 436 13.76 -12.50 -14.60
CA LEU A 436 14.56 -11.86 -15.64
C LEU A 436 15.88 -12.58 -15.85
N SER A 437 16.46 -13.12 -14.78
CA SER A 437 17.70 -13.87 -14.89
C SER A 437 17.53 -15.13 -15.72
N LYS A 438 16.31 -15.65 -15.84
CA LYS A 438 16.06 -16.73 -16.78
C LYS A 438 16.43 -16.33 -18.20
N LEU A 439 16.38 -15.02 -18.52
CA LEU A 439 16.77 -14.53 -19.83
C LEU A 439 18.23 -14.06 -19.89
N ASN A 440 18.83 -13.71 -18.76
CA ASN A 440 20.24 -13.33 -18.70
C ASN A 440 20.72 -13.62 -17.28
N ALA A 441 21.48 -14.71 -17.14
CA ALA A 441 21.82 -15.21 -15.82
C ALA A 441 22.74 -14.27 -15.05
N ASN A 442 23.65 -13.58 -15.74
CA ASN A 442 24.66 -12.77 -15.06
C ASN A 442 24.33 -11.29 -15.02
N ASP A 443 23.45 -10.80 -15.90
CA ASP A 443 23.00 -9.41 -15.91
C ASP A 443 21.48 -9.41 -16.00
N PRO A 444 20.79 -9.72 -14.88
CA PRO A 444 19.33 -9.92 -14.96
C PRO A 444 18.56 -8.70 -15.43
N LEU A 445 19.03 -7.49 -15.14
CA LEU A 445 18.30 -6.30 -15.53
C LEU A 445 18.49 -5.93 -17.00
N LYS A 446 19.48 -6.53 -17.68
CA LYS A 446 19.73 -6.17 -19.06
C LYS A 446 18.56 -6.47 -20.01
N PRO A 447 17.89 -7.63 -19.97
CA PRO A 447 16.76 -7.81 -20.90
C PRO A 447 15.67 -6.77 -20.71
N LEU A 448 15.36 -6.41 -19.46
CA LEU A 448 14.36 -5.39 -19.19
C LEU A 448 14.80 -4.04 -19.77
N ILE A 449 16.07 -3.67 -19.55
CA ILE A 449 16.55 -2.40 -20.08
C ILE A 449 16.61 -2.43 -21.61
N ASP A 450 16.96 -3.59 -22.18
CA ASP A 450 16.98 -3.76 -23.62
C ASP A 450 15.62 -3.45 -24.21
N ASN A 451 14.57 -4.07 -23.66
CA ASN A 451 13.23 -3.83 -24.18
C ASN A 451 12.73 -2.43 -23.87
N VAL A 452 13.24 -1.80 -22.81
CA VAL A 452 12.96 -0.38 -22.61
C VAL A 452 13.56 0.44 -23.75
N VAL A 453 14.78 0.12 -24.18
CA VAL A 453 15.46 0.89 -25.20
C VAL A 453 14.77 0.76 -26.56
N ASN A 454 14.46 -0.48 -26.96
CA ASN A 454 13.94 -0.73 -28.30
C ASN A 454 12.46 -0.45 -28.45
N GLY A 455 11.80 0.12 -27.43
CA GLY A 455 10.42 0.49 -27.52
C GLY A 455 9.43 -0.59 -27.11
N ASN A 456 9.89 -1.83 -26.90
CA ASN A 456 8.99 -2.88 -26.46
C ASN A 456 8.36 -2.55 -25.11
N ILE A 457 9.11 -1.88 -24.24
CA ILE A 457 8.59 -1.38 -22.97
C ILE A 457 8.74 0.14 -23.00
N ARG A 458 7.60 0.84 -23.03
CA ARG A 458 7.64 2.31 -23.06
C ARG A 458 8.18 2.87 -21.75
N GLY A 459 7.68 2.34 -20.63
CA GLY A 459 8.10 2.81 -19.33
C GLY A 459 7.51 1.93 -18.25
N VAL A 460 7.64 2.41 -17.01
CA VAL A 460 7.13 1.70 -15.84
C VAL A 460 6.19 2.62 -15.08
N CYS A 461 5.01 2.10 -14.73
CA CYS A 461 4.05 2.80 -13.90
C CYS A 461 3.76 1.97 -12.67
N LEU A 462 3.85 2.61 -11.50
CA LEU A 462 3.49 1.98 -10.24
C LEU A 462 2.11 2.46 -9.82
N PHE A 463 1.15 1.55 -9.77
CA PHE A 463 -0.16 1.85 -9.23
C PHE A 463 -0.16 1.56 -7.74
N ALA A 464 -0.60 2.54 -6.95
CA ALA A 464 -0.58 2.40 -5.50
C ALA A 464 -1.76 3.16 -4.93
N GLY A 465 -2.06 2.86 -3.68
CA GLY A 465 -3.06 3.60 -2.96
C GLY A 465 -4.36 2.85 -2.81
N CYS A 466 -5.39 3.58 -2.39
CA CYS A 466 -6.65 3.02 -1.92
C CYS A 466 -7.78 3.34 -2.88
N ASN A 467 -9.00 2.98 -2.48
CA ASN A 467 -10.21 3.40 -3.16
C ASN A 467 -10.81 4.58 -2.39
N ASN A 468 -11.33 5.55 -3.13
CA ASN A 468 -11.96 6.72 -2.55
C ASN A 468 -13.44 6.70 -2.90
N VAL A 469 -14.30 6.91 -1.89
CA VAL A 469 -15.73 6.79 -2.11
C VAL A 469 -16.25 7.77 -3.14
N LYS A 470 -15.53 8.87 -3.38
CA LYS A 470 -15.97 9.86 -4.36
C LYS A 470 -15.75 9.34 -5.78
N VAL A 471 -14.65 8.64 -6.02
CA VAL A 471 -14.41 8.02 -7.32
C VAL A 471 -15.13 6.68 -7.37
N PRO A 472 -15.93 6.41 -8.40
CA PRO A 472 -16.54 5.08 -8.52
C PRO A 472 -15.47 4.00 -8.47
N GLN A 473 -15.73 2.95 -7.68
CA GLN A 473 -14.67 2.05 -7.27
C GLN A 473 -13.98 1.41 -8.47
N ASP A 474 -12.65 1.51 -8.50
CA ASP A 474 -11.74 0.89 -9.46
C ASP A 474 -11.79 1.52 -10.84
N GLN A 475 -12.56 2.60 -11.04
CA GLN A 475 -12.68 3.19 -12.37
C GLN A 475 -11.36 3.80 -12.84
N ASN A 476 -10.75 4.64 -12.01
CA ASN A 476 -9.50 5.29 -12.42
C ASN A 476 -8.40 4.27 -12.64
N PHE A 477 -8.26 3.31 -11.73
CA PHE A 477 -7.21 2.31 -11.85
C PHE A 477 -7.35 1.54 -13.16
N THR A 478 -8.53 1.00 -13.44
CA THR A 478 -8.73 0.23 -14.65
C THR A 478 -8.54 1.10 -15.90
N THR A 479 -9.10 2.31 -15.91
CA THR A 479 -9.00 3.13 -17.10
C THR A 479 -7.55 3.49 -17.43
N ILE A 480 -6.83 4.03 -16.44
CA ILE A 480 -5.44 4.40 -16.66
C ILE A 480 -4.62 3.16 -17.00
N ALA A 481 -4.91 2.02 -16.35
CA ALA A 481 -4.15 0.81 -16.63
C ALA A 481 -4.37 0.34 -18.05
N ARG A 482 -5.60 0.44 -18.55
CA ARG A 482 -5.87 0.06 -19.94
C ARG A 482 -5.09 0.94 -20.90
N LYS A 483 -5.14 2.27 -20.69
CA LYS A 483 -4.46 3.16 -21.62
C LYS A 483 -2.94 2.98 -21.55
N LEU A 484 -2.39 2.68 -20.37
CA LEU A 484 -0.96 2.49 -20.25
C LEU A 484 -0.51 1.14 -20.84
N LEU A 485 -1.28 0.08 -20.59
CA LEU A 485 -0.92 -1.24 -21.09
C LEU A 485 -0.99 -1.30 -22.61
N LYS A 486 -2.00 -0.65 -23.21
CA LYS A 486 -2.07 -0.65 -24.66
C LYS A 486 -0.94 0.12 -25.32
N GLN A 487 -0.16 0.89 -24.55
CA GLN A 487 1.01 1.60 -25.05
C GLN A 487 2.31 1.02 -24.51
N ASN A 488 2.27 -0.24 -24.04
CA ASN A 488 3.45 -1.03 -23.69
C ASN A 488 4.17 -0.52 -22.44
N VAL A 489 3.43 0.07 -21.50
CA VAL A 489 4.00 0.41 -20.20
C VAL A 489 4.01 -0.85 -19.32
N LEU A 490 5.17 -1.17 -18.77
CA LEU A 490 5.24 -2.23 -17.77
C LEU A 490 4.58 -1.72 -16.50
N VAL A 491 3.47 -2.36 -16.11
CA VAL A 491 2.63 -1.88 -15.02
C VAL A 491 2.80 -2.81 -13.82
N VAL A 492 3.18 -2.23 -12.69
CA VAL A 492 3.19 -2.94 -11.41
C VAL A 492 2.25 -2.20 -10.47
N ALA A 493 1.80 -2.91 -9.43
CA ALA A 493 0.81 -2.34 -8.54
C ALA A 493 1.00 -2.90 -7.13
N THR A 494 0.50 -2.15 -6.15
CA THR A 494 0.55 -2.54 -4.76
C THR A 494 -0.76 -2.16 -4.09
N GLY A 495 -0.97 -2.70 -2.89
CA GLY A 495 -2.08 -2.29 -2.05
C GLY A 495 -3.42 -2.43 -2.74
N CYS A 496 -4.27 -1.42 -2.58
CA CYS A 496 -5.61 -1.49 -3.15
C CYS A 496 -5.63 -1.13 -4.64
N GLY A 497 -4.59 -0.51 -5.15
CA GLY A 497 -4.44 -0.43 -6.60
C GLY A 497 -4.29 -1.82 -7.20
N ALA A 498 -3.41 -2.62 -6.62
CA ALA A 498 -3.32 -4.02 -6.98
C ALA A 498 -4.65 -4.72 -6.76
N GLY A 499 -5.34 -4.39 -5.67
CA GLY A 499 -6.63 -5.03 -5.40
C GLY A 499 -7.66 -4.76 -6.49
N ALA A 500 -7.80 -3.51 -6.90
CA ALA A 500 -8.73 -3.16 -7.96
C ALA A 500 -8.34 -3.85 -9.27
N LEU A 501 -7.07 -3.72 -9.66
CA LEU A 501 -6.64 -4.27 -10.93
C LEU A 501 -6.78 -5.78 -10.95
N MET A 502 -6.55 -6.45 -9.81
CA MET A 502 -6.69 -7.90 -9.74
C MET A 502 -8.16 -8.32 -9.73
N ARG A 503 -9.03 -7.49 -9.15
CA ARG A 503 -10.46 -7.83 -9.16
C ARG A 503 -11.08 -7.61 -10.52
N HIS A 504 -10.46 -6.80 -11.39
CA HIS A 504 -10.96 -6.66 -12.75
C HIS A 504 -10.13 -7.44 -13.78
N GLY A 505 -9.29 -8.37 -13.34
CA GLY A 505 -8.68 -9.34 -14.22
C GLY A 505 -7.28 -9.03 -14.72
N PHE A 506 -6.60 -8.04 -14.14
CA PHE A 506 -5.30 -7.63 -14.67
C PHE A 506 -4.14 -8.49 -14.18
N MET A 507 -4.35 -9.37 -13.20
CA MET A 507 -3.35 -10.36 -12.80
C MET A 507 -3.60 -11.71 -13.43
N ASP A 508 -4.33 -11.76 -14.53
CA ASP A 508 -4.61 -13.01 -15.22
C ASP A 508 -3.91 -13.01 -16.58
N PRO A 509 -2.91 -13.87 -16.80
CA PRO A 509 -2.20 -13.82 -18.09
C PRO A 509 -3.10 -14.08 -19.29
N ALA A 510 -4.24 -14.74 -19.09
CA ALA A 510 -5.16 -15.02 -20.19
C ALA A 510 -5.69 -13.75 -20.83
N ASN A 511 -5.60 -12.61 -20.15
CA ASN A 511 -6.05 -11.33 -20.69
C ASN A 511 -4.95 -10.54 -21.36
N VAL A 512 -3.72 -11.05 -21.40
CA VAL A 512 -2.60 -10.30 -21.98
C VAL A 512 -2.93 -9.86 -23.40
N ASP A 513 -3.42 -10.81 -24.22
CA ASP A 513 -3.76 -10.50 -25.60
C ASP A 513 -4.76 -9.37 -25.69
N GLU A 514 -5.74 -9.34 -24.78
CA GLU A 514 -6.75 -8.30 -24.81
C GLU A 514 -6.20 -6.97 -24.31
N LEU A 515 -5.23 -7.01 -23.38
CA LEU A 515 -4.83 -5.80 -22.68
C LEU A 515 -3.51 -5.21 -23.18
N CYS A 516 -2.53 -6.05 -23.46
CA CYS A 516 -1.16 -5.58 -23.68
C CYS A 516 -0.91 -5.29 -25.15
N GLY A 517 -0.12 -4.25 -25.40
CA GLY A 517 0.37 -3.98 -26.73
C GLY A 517 1.36 -5.05 -27.18
N ASP A 518 1.69 -5.01 -28.47
CA ASP A 518 2.46 -6.09 -29.07
C ASP A 518 3.82 -6.27 -28.39
N GLY A 519 4.55 -5.17 -28.19
CA GLY A 519 5.86 -5.27 -27.57
C GLY A 519 5.80 -5.72 -26.12
N LEU A 520 4.87 -5.15 -25.36
CA LEU A 520 4.69 -5.58 -23.97
C LEU A 520 4.26 -7.03 -23.90
N LYS A 521 3.37 -7.45 -24.81
CA LYS A 521 2.99 -8.85 -24.89
C LYS A 521 4.19 -9.74 -25.16
N ALA A 522 5.08 -9.31 -26.06
CA ALA A 522 6.26 -10.09 -26.38
C ALA A 522 7.19 -10.21 -25.18
N VAL A 523 7.37 -9.12 -24.43
CA VAL A 523 8.26 -9.15 -23.26
C VAL A 523 7.69 -10.09 -22.19
N LEU A 524 6.39 -9.94 -21.91
CA LEU A 524 5.76 -10.80 -20.91
C LEU A 524 5.81 -12.26 -21.34
N THR A 525 5.56 -12.53 -22.62
CA THR A 525 5.61 -13.90 -23.14
C THR A 525 7.01 -14.47 -23.01
N ALA A 526 8.04 -13.69 -23.34
CA ALA A 526 9.41 -14.16 -23.24
C ALA A 526 9.75 -14.54 -21.81
N ILE A 527 9.44 -13.66 -20.86
CA ILE A 527 9.77 -13.96 -19.46
C ILE A 527 8.97 -15.16 -18.96
N GLY A 528 7.68 -15.21 -19.28
CA GLY A 528 6.85 -16.32 -18.79
C GLY A 528 7.24 -17.66 -19.38
N GLU A 529 7.60 -17.69 -20.66
CA GLU A 529 8.03 -18.93 -21.27
C GLU A 529 9.41 -19.34 -20.80
N ALA A 530 10.27 -18.38 -20.48
CA ALA A 530 11.55 -18.72 -19.86
C ALA A 530 11.38 -19.15 -18.41
N ASN A 531 10.24 -18.85 -17.79
CA ASN A 531 9.98 -19.18 -16.40
C ASN A 531 9.09 -20.40 -16.24
N GLY A 532 9.07 -21.29 -17.22
CA GLY A 532 8.43 -22.59 -17.06
C GLY A 532 6.94 -22.57 -16.76
N LEU A 533 6.19 -21.73 -17.48
CA LEU A 533 4.73 -21.81 -17.40
C LEU A 533 4.06 -21.66 -18.76
N GLY A 534 4.82 -21.67 -19.86
CA GLY A 534 4.26 -21.82 -21.19
C GLY A 534 3.47 -20.63 -21.71
N GLY A 535 3.08 -19.73 -20.81
CA GLY A 535 2.35 -18.55 -21.18
C GLY A 535 3.08 -17.30 -20.74
N PRO A 536 2.43 -16.16 -20.84
CA PRO A 536 3.04 -14.89 -20.43
C PRO A 536 2.85 -14.62 -18.94
N LEU A 537 3.58 -13.62 -18.46
CA LEU A 537 3.30 -13.06 -17.16
C LEU A 537 1.96 -12.34 -17.20
N PRO A 538 1.33 -12.13 -16.06
CA PRO A 538 0.05 -11.40 -16.04
C PRO A 538 0.23 -9.96 -16.49
N PRO A 539 -0.83 -9.33 -16.99
CA PRO A 539 -0.68 -7.96 -17.52
C PRO A 539 -0.16 -6.96 -16.51
N VAL A 540 -0.38 -7.17 -15.21
CA VAL A 540 0.12 -6.29 -14.17
C VAL A 540 0.86 -7.12 -13.13
N LEU A 541 2.02 -6.65 -12.70
CA LEU A 541 2.85 -7.35 -11.73
C LEU A 541 2.49 -6.90 -10.33
N HIS A 542 1.88 -7.79 -9.55
CA HIS A 542 1.49 -7.50 -8.18
C HIS A 542 2.74 -7.54 -7.30
N MET A 543 3.11 -6.38 -6.73
CA MET A 543 4.32 -6.26 -5.94
C MET A 543 4.09 -6.30 -4.44
N GLY A 544 2.84 -6.41 -3.99
CA GLY A 544 2.54 -6.65 -2.59
C GLY A 544 1.67 -5.54 -2.00
N SER A 545 1.94 -5.22 -0.74
CA SER A 545 1.08 -4.37 0.07
C SER A 545 1.49 -2.90 -0.02
N CYS A 546 0.91 -2.09 0.86
CA CYS A 546 1.14 -0.65 0.83
C CYS A 546 2.59 -0.33 1.16
N VAL A 547 3.17 -1.04 2.13
CA VAL A 547 4.57 -0.83 2.46
C VAL A 547 5.46 -1.44 1.38
N ASP A 548 4.99 -2.47 0.70
CA ASP A 548 5.75 -3.10 -0.37
C ASP A 548 5.93 -2.19 -1.58
N ASN A 549 5.41 -0.95 -1.53
CA ASN A 549 5.85 0.05 -2.48
C ASN A 549 7.36 0.21 -2.45
N SER A 550 7.96 0.01 -1.27
CA SER A 550 9.42 -0.01 -1.17
C SER A 550 10.04 -0.98 -2.15
N ARG A 551 9.37 -2.13 -2.38
CA ARG A 551 9.82 -3.08 -3.38
C ARG A 551 10.05 -2.39 -4.72
N ALA A 552 9.07 -1.60 -5.16
CA ALA A 552 9.23 -0.86 -6.42
C ALA A 552 10.47 0.02 -6.35
N VAL A 553 10.67 0.72 -5.23
CA VAL A 553 11.88 1.51 -5.04
C VAL A 553 13.10 0.62 -5.25
N ALA A 554 13.10 -0.54 -4.60
CA ALA A 554 14.22 -1.46 -4.75
C ALA A 554 14.47 -1.79 -6.21
N LEU A 555 13.40 -1.99 -6.98
CA LEU A 555 13.57 -2.22 -8.41
C LEU A 555 14.08 -0.95 -9.09
N VAL A 556 13.41 0.18 -8.82
CA VAL A 556 13.70 1.42 -9.56
C VAL A 556 15.13 1.87 -9.29
N ALA A 557 15.58 1.77 -8.04
CA ALA A 557 16.96 2.10 -7.72
C ALA A 557 17.92 1.15 -8.43
N ALA A 558 17.58 -0.15 -8.48
CA ALA A 558 18.48 -1.13 -9.08
C ALA A 558 18.76 -0.78 -10.53
N LEU A 559 17.69 -0.59 -11.32
CA LEU A 559 17.86 -0.15 -12.69
C LEU A 559 18.67 1.13 -12.76
N ALA A 560 18.40 2.06 -11.84
CA ALA A 560 19.21 3.28 -11.77
C ALA A 560 20.69 2.94 -11.67
N ASN A 561 21.03 2.07 -10.71
CA ASN A 561 22.44 1.67 -10.56
C ASN A 561 22.95 1.02 -11.84
N ARG A 562 22.11 0.24 -12.51
CA ARG A 562 22.55 -0.41 -13.73
C ARG A 562 22.76 0.58 -14.88
N LEU A 563 22.10 1.73 -14.85
CA LEU A 563 22.17 2.67 -15.95
C LEU A 563 23.08 3.85 -15.67
N GLY A 564 23.62 3.96 -14.46
CA GLY A 564 24.52 5.05 -14.15
C GLY A 564 23.85 6.41 -14.12
N VAL A 565 22.55 6.44 -13.86
CA VAL A 565 21.77 7.68 -13.83
C VAL A 565 20.95 7.73 -12.55
N ASP A 566 20.36 8.90 -12.31
CA ASP A 566 19.48 9.11 -11.13
C ASP A 566 18.04 8.77 -11.51
N LEU A 567 17.25 8.37 -10.53
CA LEU A 567 15.82 8.01 -10.75
C LEU A 567 15.12 9.11 -11.53
N ASP A 568 15.35 10.38 -11.21
CA ASP A 568 14.62 11.40 -11.95
C ASP A 568 14.99 11.43 -13.43
N ARG A 569 15.82 10.50 -13.89
CA ARG A 569 16.10 10.34 -15.31
C ARG A 569 15.46 9.09 -15.90
N LEU A 570 14.80 8.27 -15.07
CA LEU A 570 14.22 7.03 -15.56
C LEU A 570 12.79 7.27 -16.04
N PRO A 571 12.36 6.57 -17.09
CA PRO A 571 10.94 6.62 -17.49
C PRO A 571 10.07 5.80 -16.55
N VAL A 572 10.03 6.20 -15.29
CA VAL A 572 9.23 5.53 -14.27
C VAL A 572 8.28 6.57 -13.68
N VAL A 573 7.01 6.20 -13.53
CA VAL A 573 6.00 7.06 -12.94
C VAL A 573 5.22 6.25 -11.91
N ALA A 574 4.46 6.97 -11.09
CA ALA A 574 3.60 6.37 -10.08
C ALA A 574 2.22 6.99 -10.17
N SER A 575 1.21 6.26 -9.69
CA SER A 575 -0.18 6.71 -9.79
C SER A 575 -0.95 6.28 -8.55
N ALA A 576 -1.18 7.23 -7.64
CA ALA A 576 -2.18 7.08 -6.57
C ALA A 576 -3.51 7.53 -7.16
N ALA A 577 -4.10 6.65 -7.97
CA ALA A 577 -5.18 7.06 -8.88
C ALA A 577 -6.48 7.35 -8.14
N GLU A 578 -6.71 6.73 -6.99
CA GLU A 578 -7.92 6.95 -6.20
C GLU A 578 -7.55 7.13 -4.73
N ALA A 579 -6.57 7.99 -4.48
CA ALA A 579 -5.99 8.13 -3.15
C ALA A 579 -7.04 8.50 -2.12
N MET A 580 -6.98 7.86 -0.98
CA MET A 580 -7.84 8.26 0.12
C MET A 580 -7.09 8.53 1.42
N HIS A 581 -6.12 7.68 1.78
CA HIS A 581 -5.55 7.66 3.11
C HIS A 581 -4.33 8.57 3.21
N GLU A 582 -4.07 9.05 4.43
CA GLU A 582 -2.90 9.89 4.68
C GLU A 582 -1.61 9.16 4.30
N LYS A 583 -1.59 7.85 4.47
CA LYS A 583 -0.45 7.05 4.02
C LYS A 583 -0.22 7.21 2.53
N ALA A 584 -1.32 7.28 1.74
CA ALA A 584 -1.18 7.49 0.30
C ALA A 584 -0.56 8.84 0.00
N VAL A 585 -0.93 9.87 0.76
CA VAL A 585 -0.32 11.19 0.56
C VAL A 585 1.18 11.14 0.85
N ALA A 586 1.56 10.49 1.96
CA ALA A 586 2.98 10.36 2.27
C ALA A 586 3.71 9.59 1.18
N ILE A 587 3.08 8.52 0.67
CA ILE A 587 3.70 7.70 -0.37
C ILE A 587 3.91 8.49 -1.65
N GLY A 588 2.90 9.26 -2.06
CA GLY A 588 3.06 10.10 -3.22
C GLY A 588 4.14 11.15 -3.03
N THR A 589 4.22 11.72 -1.82
CA THR A 589 5.23 12.73 -1.56
C THR A 589 6.63 12.15 -1.66
N TRP A 590 6.86 10.94 -1.13
CA TRP A 590 8.21 10.40 -1.26
C TRP A 590 8.47 9.80 -2.64
N ALA A 591 7.42 9.45 -3.38
CA ALA A 591 7.60 9.12 -4.80
C ALA A 591 8.10 10.35 -5.57
N VAL A 592 7.56 11.52 -5.25
CA VAL A 592 8.10 12.75 -5.82
C VAL A 592 9.53 12.99 -5.34
N THR A 593 9.77 12.77 -4.04
CA THR A 593 11.06 13.10 -3.44
C THR A 593 12.19 12.28 -4.03
N ILE A 594 11.96 10.98 -4.25
CA ILE A 594 13.00 10.18 -4.88
C ILE A 594 13.13 10.45 -6.37
N GLY A 595 12.22 11.26 -6.95
CA GLY A 595 12.36 11.75 -8.29
C GLY A 595 11.35 11.26 -9.32
N LEU A 596 10.18 10.79 -8.91
CA LEU A 596 9.25 10.23 -9.90
C LEU A 596 8.16 11.23 -10.25
N PRO A 597 7.71 11.25 -11.51
CA PRO A 597 6.40 11.85 -11.81
C PRO A 597 5.30 11.00 -11.17
N THR A 598 4.44 11.66 -10.41
CA THR A 598 3.53 10.96 -9.50
C THR A 598 2.13 11.55 -9.67
N HIS A 599 1.27 10.85 -10.41
CA HIS A 599 -0.11 11.27 -10.56
C HIS A 599 -0.90 10.93 -9.32
N ILE A 600 -1.76 11.85 -8.89
CA ILE A 600 -2.74 11.60 -7.86
C ILE A 600 -4.11 11.87 -8.47
N GLY A 601 -5.00 10.89 -8.40
CA GLY A 601 -6.26 10.94 -9.11
C GLY A 601 -7.43 11.48 -8.34
N VAL A 602 -7.24 11.87 -7.09
CA VAL A 602 -8.27 12.56 -6.31
C VAL A 602 -7.71 13.92 -5.94
N LEU A 603 -8.62 14.84 -5.65
CA LEU A 603 -8.16 16.18 -5.31
C LEU A 603 -7.58 16.19 -3.90
N PRO A 604 -6.30 16.48 -3.73
CA PRO A 604 -5.76 16.68 -2.39
C PRO A 604 -6.07 18.09 -1.91
N PRO A 605 -6.01 18.34 -0.60
CA PRO A 605 -6.37 19.66 -0.05
C PRO A 605 -5.30 20.73 -0.27
N ILE A 606 -4.85 20.87 -1.52
CA ILE A 606 -3.81 21.84 -1.87
C ILE A 606 -4.30 22.93 -2.80
N THR A 607 -5.48 22.78 -3.41
CA THR A 607 -5.94 23.72 -4.42
C THR A 607 -6.38 25.06 -3.83
N GLY A 608 -6.36 25.21 -2.51
CA GLY A 608 -6.68 26.50 -1.93
C GLY A 608 -5.58 27.53 -1.98
N SER A 609 -4.37 27.11 -2.37
CA SER A 609 -3.23 28.01 -2.48
C SER A 609 -2.49 27.69 -3.77
N LEU A 610 -2.51 28.63 -4.72
CA LEU A 610 -1.76 28.45 -5.95
C LEU A 610 -0.25 28.28 -5.71
N PRO A 611 0.41 29.03 -4.82
CA PRO A 611 1.85 28.78 -4.60
C PRO A 611 2.18 27.36 -4.22
N VAL A 612 1.41 26.74 -3.31
CA VAL A 612 1.71 25.38 -2.87
C VAL A 612 1.51 24.41 -4.04
N THR A 613 0.44 24.59 -4.81
CA THR A 613 0.20 23.75 -5.98
C THR A 613 1.34 23.88 -6.99
N GLN A 614 1.80 25.11 -7.21
CA GLN A 614 2.90 25.34 -8.15
C GLN A 614 4.18 24.67 -7.67
N ILE A 615 4.43 24.71 -6.36
CA ILE A 615 5.61 24.04 -5.82
C ILE A 615 5.51 22.53 -6.00
N LEU A 616 4.35 21.96 -5.67
CA LEU A 616 4.17 20.51 -5.69
C LEU A 616 4.03 19.94 -7.09
N THR A 617 3.75 20.78 -8.09
CA THR A 617 3.62 20.31 -9.46
C THR A 617 4.67 20.84 -10.41
N SER A 618 5.27 22.01 -10.14
CA SER A 618 6.25 22.58 -11.07
C SER A 618 7.64 22.73 -10.47
N SER A 619 7.80 23.47 -9.37
CA SER A 619 9.16 23.87 -9.00
C SER A 619 9.91 22.81 -8.21
N VAL A 620 9.22 21.81 -7.66
CA VAL A 620 9.94 20.71 -7.02
C VAL A 620 10.75 19.93 -8.05
N LYS A 621 10.46 20.11 -9.34
CA LYS A 621 11.32 19.55 -10.38
C LYS A 621 12.75 20.05 -10.24
N ASP A 622 12.92 21.31 -9.81
CA ASP A 622 14.26 21.84 -9.59
C ASP A 622 14.91 21.29 -8.32
N ILE A 623 14.14 20.66 -7.43
CA ILE A 623 14.63 20.22 -6.14
C ILE A 623 14.92 18.73 -6.12
N THR A 624 13.95 17.91 -6.53
CA THR A 624 14.11 16.46 -6.52
C THR A 624 14.04 15.83 -7.89
N GLY A 625 13.49 16.51 -8.90
CA GLY A 625 13.28 15.93 -10.20
C GLY A 625 11.92 15.29 -10.39
N GLY A 626 11.26 14.88 -9.30
CA GLY A 626 9.89 14.41 -9.37
C GLY A 626 8.92 15.56 -9.25
N TYR A 627 7.63 15.23 -9.39
CA TYR A 627 6.57 16.22 -9.32
C TYR A 627 5.22 15.52 -9.30
N PHE A 628 4.27 16.13 -8.61
CA PHE A 628 2.90 15.64 -8.61
C PHE A 628 2.19 16.01 -9.92
N ILE A 629 1.25 15.16 -10.31
CA ILE A 629 0.34 15.44 -11.42
C ILE A 629 -1.07 15.32 -10.86
N VAL A 630 -1.75 16.44 -10.69
CA VAL A 630 -3.10 16.45 -10.17
C VAL A 630 -4.06 16.46 -11.37
N GLU A 631 -4.79 15.36 -11.54
CA GLU A 631 -5.73 15.24 -12.65
C GLU A 631 -6.80 14.24 -12.26
N LEU A 632 -8.06 14.67 -12.25
CA LEU A 632 -9.14 13.82 -11.80
C LEU A 632 -9.80 13.04 -12.92
N ASP A 633 -9.51 13.37 -14.17
CA ASP A 633 -10.02 12.62 -15.31
C ASP A 633 -9.04 11.52 -15.66
N PRO A 634 -9.42 10.24 -15.58
CA PRO A 634 -8.44 9.16 -15.79
C PRO A 634 -7.91 9.08 -17.22
N GLU A 635 -8.70 9.47 -18.23
CA GLU A 635 -8.19 9.51 -19.59
C GLU A 635 -7.09 10.58 -19.72
N THR A 636 -7.38 11.79 -19.24
CA THR A 636 -6.39 12.85 -19.25
C THR A 636 -5.20 12.50 -18.38
N ALA A 637 -5.45 11.87 -17.22
CA ALA A 637 -4.36 11.46 -16.35
C ALA A 637 -3.47 10.43 -17.01
N ALA A 638 -4.06 9.48 -17.73
CA ALA A 638 -3.27 8.49 -18.44
C ALA A 638 -2.45 9.14 -19.53
N ASP A 639 -3.02 10.11 -20.25
CA ASP A 639 -2.25 10.83 -21.26
C ASP A 639 -1.10 11.60 -20.62
N LYS A 640 -1.32 12.22 -19.47
CA LYS A 640 -0.27 12.96 -18.79
C LYS A 640 0.84 12.03 -18.30
N LEU A 641 0.47 10.87 -17.77
CA LEU A 641 1.47 9.88 -17.37
C LEU A 641 2.27 9.40 -18.58
N LEU A 642 1.59 9.17 -19.70
CA LEU A 642 2.27 8.78 -20.94
C LEU A 642 3.27 9.84 -21.36
N ALA A 643 2.86 11.12 -21.30
CA ALA A 643 3.74 12.20 -21.68
C ALA A 643 4.94 12.30 -20.75
N ALA A 644 4.73 12.10 -19.44
CA ALA A 644 5.84 12.12 -18.51
C ALA A 644 6.84 11.01 -18.82
N ILE A 645 6.33 9.79 -19.07
CA ILE A 645 7.19 8.68 -19.45
C ILE A 645 7.97 9.04 -20.72
N ASN A 646 7.30 9.65 -21.70
CA ASN A 646 7.94 9.94 -22.98
C ASN A 646 8.98 11.05 -22.85
N GLU A 647 8.73 12.05 -21.98
CA GLU A 647 9.76 13.06 -21.73
C GLU A 647 10.99 12.44 -21.08
N ARG A 648 10.78 11.53 -20.12
CA ARG A 648 11.93 10.85 -19.54
C ARG A 648 12.67 10.02 -20.58
N ARG A 649 11.94 9.37 -21.49
CA ARG A 649 12.58 8.66 -22.60
C ARG A 649 13.40 9.60 -23.47
N ALA A 650 12.84 10.78 -23.77
CA ALA A 650 13.52 11.74 -24.63
C ALA A 650 14.81 12.25 -23.97
N GLY A 651 14.75 12.50 -22.65
CA GLY A 651 15.95 12.95 -21.95
C GLY A 651 17.08 11.95 -22.02
N LEU A 652 16.75 10.66 -22.11
CA LEU A 652 17.76 9.62 -22.28
C LEU A 652 18.15 9.41 -23.74
N GLY A 653 17.47 10.08 -24.68
CA GLY A 653 17.79 9.89 -26.08
C GLY A 653 17.09 8.72 -26.74
N LEU A 654 15.89 8.38 -26.28
CA LEU A 654 15.16 7.24 -26.81
C LEU A 654 13.97 7.69 -27.64
N PRO A 655 13.64 6.97 -28.72
CA PRO A 655 12.42 7.28 -29.47
C PRO A 655 11.18 7.06 -28.62
N TRP A 656 10.05 7.59 -29.10
CA TRP A 656 8.78 7.49 -28.40
C TRP A 656 7.62 7.86 -29.31
FE1 SF4 B . -3.88 30.45 13.15
FE2 SF4 B . -4.95 27.96 12.73
FE3 SF4 B . -6.60 30.11 13.12
FE4 SF4 B . -5.14 29.13 15.19
S1 SF4 B . -6.80 28.05 14.07
S2 SF4 B . -5.39 31.32 14.61
S3 SF4 B . -3.22 28.49 14.12
S4 SF4 B . -5.15 29.78 11.38
FE1 FES C . -13.05 23.60 8.71
FE2 FES C . -14.89 23.12 6.82
S1 FES C . -14.73 24.90 8.12
S2 FES C . -13.05 21.99 7.22
FE1 XCC D . -5.57 0.17 1.05
FE2 XCC D . -2.53 0.01 3.19
FE3 XCC D . -4.81 2.73 0.91
FE4 XCC D . -5.24 1.77 3.21
S1 XCC D . -3.42 3.13 2.67
S2 XCC D . -6.95 1.94 1.60
S4 XCC D . -3.77 0.95 -0.13
S3 XCC D . -4.77 -0.46 3.10
NI XCC D . -2.12 1.91 1.42
C10 S8I E . -13.06 19.86 -6.61
C11 S8I E . -13.32 22.24 -4.98
C13 S8I E . -15.65 22.73 -3.66
C14 S8I E . -12.97 18.74 -7.42
C05 S8I E . -14.35 21.38 -5.11
C06 S8I E . -14.23 20.14 -5.99
C07 S8I E . -14.74 24.77 -2.69
C08 S8I E . -13.96 16.74 -8.40
C09 S8I E . -15.51 21.62 -4.46
C12 S8I E . -15.30 19.33 -6.13
C15 S8I E . -13.46 23.36 -4.19
C16 S8I E . -15.21 18.20 -6.94
C17 S8I E . -15.29 25.93 -3.53
C18 S8I E . -13.99 17.17 -9.87
N03 S8I E . -14.62 23.59 -3.53
N04 S8I E . -14.04 17.93 -7.57
C1 EDO F . -20.27 24.64 6.77
O1 EDO F . -19.00 25.21 6.93
C2 EDO F . -20.19 23.35 5.95
O2 EDO F . -21.41 22.66 6.00
#